data_1QZU
#
_entry.id   1QZU
#
_cell.length_a   124.780
_cell.length_b   124.780
_cell.length_c   153.500
_cell.angle_alpha   90.00
_cell.angle_beta   90.00
_cell.angle_gamma   120.00
#
_symmetry.space_group_name_H-M   'H 3'
#
loop_
_entity.id
_entity.type
_entity.pdbx_description
1 polymer 'hypothetical protein MDS018'
2 non-polymer 'FLAVIN MONONUCLEOTIDE'
#
_entity_poly.entity_id   1
_entity_poly.type   'polypeptide(L)'
_entity_poly.pdbx_seq_one_letter_code
;GAMEPKASCPAAAPLMERKFHVLVGVTGSVAALKLPLLVSKLLDIPGLEVAVVTTERAKHFYSPQDIPVTLYSDADEWEM
WKSRSDPVLHIDLRRWADLLLVAPLDANTLGKVASGICDNLLTCVMRAWDRSKPLLFCPAMNTAMWEHPITAQQVDQLKA
FGYVEIPCVAKKLVCGDEGLGAMAEVGTIVDKVKEVLFQHSGFQQS
;
_entity_poly.pdbx_strand_id   A,B,C,D
#
loop_
_chem_comp.id
_chem_comp.type
_chem_comp.name
_chem_comp.formula
FMN non-polymer 'FLAVIN MONONUCLEOTIDE' 'C17 H21 N4 O9 P'
#
# COMPACT_ATOMS: atom_id res chain seq x y z
N MET A 16 38.39 -8.52 -44.55
CA MET A 16 38.57 -7.16 -43.96
C MET A 16 39.15 -7.22 -42.53
N GLU A 17 40.28 -7.92 -42.38
CA GLU A 17 40.94 -8.04 -41.07
C GLU A 17 42.38 -7.52 -41.08
N ARG A 18 42.68 -6.70 -40.07
CA ARG A 18 44.01 -6.10 -39.85
C ARG A 18 44.48 -6.63 -38.49
N LYS A 19 44.22 -5.86 -37.42
CA LYS A 19 44.58 -6.26 -36.06
C LYS A 19 43.49 -7.25 -35.65
N PHE A 20 43.90 -8.43 -35.20
CA PHE A 20 42.93 -9.45 -34.82
C PHE A 20 42.14 -9.04 -33.56
N HIS A 21 40.84 -9.31 -33.58
CA HIS A 21 39.94 -9.02 -32.46
C HIS A 21 39.63 -10.27 -31.64
N VAL A 22 40.26 -10.40 -30.50
CA VAL A 22 39.97 -11.55 -29.67
C VAL A 22 39.12 -11.11 -28.48
N LEU A 23 38.19 -11.97 -28.14
CA LEU A 23 37.31 -11.73 -27.05
C LEU A 23 37.50 -12.84 -26.02
N VAL A 24 37.97 -12.46 -24.84
CA VAL A 24 38.14 -13.42 -23.75
C VAL A 24 36.93 -13.42 -22.78
N GLY A 25 36.30 -14.57 -22.62
CA GLY A 25 35.17 -14.71 -21.72
C GLY A 25 35.68 -15.28 -20.41
N VAL A 26 35.19 -14.80 -19.28
CA VAL A 26 35.64 -15.31 -17.98
C VAL A 26 34.45 -15.70 -17.11
N THR A 27 34.55 -16.86 -16.45
CA THR A 27 33.47 -17.35 -15.60
C THR A 27 33.96 -17.53 -14.17
N GLY A 28 33.08 -18.05 -13.32
CA GLY A 28 33.37 -18.23 -11.89
C GLY A 28 34.27 -19.33 -11.38
N SER A 29 35.39 -19.55 -12.04
CA SER A 29 36.33 -20.58 -11.59
C SER A 29 37.56 -19.92 -10.98
N VAL A 30 38.14 -20.53 -9.95
CA VAL A 30 39.33 -19.96 -9.33
C VAL A 30 40.41 -19.64 -10.38
N ALA A 31 40.32 -20.30 -11.54
CA ALA A 31 41.27 -20.07 -12.61
C ALA A 31 41.35 -18.61 -13.04
N ALA A 32 40.22 -17.91 -13.01
CA ALA A 32 40.19 -16.50 -13.42
C ALA A 32 41.18 -15.73 -12.56
N LEU A 33 41.59 -16.36 -11.48
CA LEU A 33 42.57 -15.76 -10.60
C LEU A 33 43.73 -15.39 -11.52
N LYS A 34 44.07 -16.30 -12.42
CA LYS A 34 45.16 -16.08 -13.36
C LYS A 34 44.83 -15.18 -14.56
N LEU A 35 43.53 -14.99 -14.84
CA LEU A 35 43.06 -14.16 -15.98
C LEU A 35 43.95 -12.97 -16.37
N PRO A 36 44.47 -12.25 -15.38
CA PRO A 36 45.31 -11.11 -15.76
C PRO A 36 46.43 -11.57 -16.69
N LEU A 37 47.15 -12.62 -16.27
CA LEU A 37 48.27 -13.18 -17.05
C LEU A 37 47.91 -13.33 -18.52
N LEU A 38 46.81 -14.03 -18.76
CA LEU A 38 46.32 -14.26 -20.09
C LEU A 38 46.24 -12.97 -20.88
N VAL A 39 45.56 -11.98 -20.28
CA VAL A 39 45.38 -10.69 -20.92
C VAL A 39 46.65 -9.97 -21.30
N SER A 40 47.57 -9.82 -20.34
CA SER A 40 48.83 -9.14 -20.57
C SER A 40 49.68 -9.82 -21.62
N LYS A 41 49.53 -11.13 -21.72
CA LYS A 41 50.25 -11.93 -22.71
C LYS A 41 49.50 -11.73 -24.02
N LEU A 42 48.32 -12.34 -24.13
CA LEU A 42 47.50 -12.22 -25.32
C LEU A 42 47.51 -10.79 -25.89
N LEU A 43 47.75 -9.78 -25.05
CA LEU A 43 47.79 -8.39 -25.53
C LEU A 43 49.21 -8.06 -25.99
N GLY A 47 49.81 -8.08 -32.97
CA GLY A 47 48.70 -7.81 -33.84
C GLY A 47 47.32 -8.15 -33.27
N LEU A 48 47.33 -8.79 -32.11
CA LEU A 48 46.11 -9.18 -31.43
C LEU A 48 45.55 -7.90 -30.82
N GLU A 49 44.27 -7.90 -30.46
CA GLU A 49 43.62 -6.72 -29.89
C GLU A 49 42.46 -7.33 -29.12
N VAL A 50 42.47 -7.19 -27.79
CA VAL A 50 41.46 -7.88 -26.98
C VAL A 50 40.42 -7.12 -26.17
N ALA A 51 39.50 -7.89 -25.60
CA ALA A 51 38.43 -7.40 -24.73
C ALA A 51 37.87 -8.58 -23.92
N VAL A 52 37.57 -8.35 -22.65
CA VAL A 52 37.04 -9.44 -21.84
C VAL A 52 35.58 -9.21 -21.48
N VAL A 53 34.83 -10.30 -21.47
CA VAL A 53 33.42 -10.31 -21.12
C VAL A 53 33.28 -11.31 -19.97
N THR A 54 32.79 -10.83 -18.81
CA THR A 54 32.66 -11.73 -17.67
C THR A 54 31.29 -12.05 -17.18
N THR A 55 31.29 -12.96 -16.26
CA THR A 55 30.08 -13.36 -15.61
C THR A 55 30.22 -12.58 -14.33
N GLU A 56 29.18 -12.55 -13.53
CA GLU A 56 29.30 -11.82 -12.31
C GLU A 56 30.25 -12.53 -11.35
N ARG A 57 29.98 -13.80 -11.05
CA ARG A 57 30.81 -14.51 -10.10
C ARG A 57 32.30 -14.50 -10.43
N ALA A 58 32.62 -14.61 -11.72
CA ALA A 58 34.00 -14.59 -12.17
C ALA A 58 34.77 -13.43 -11.53
N LYS A 59 34.11 -12.28 -11.49
CA LYS A 59 34.70 -11.08 -10.92
C LYS A 59 35.05 -11.31 -9.47
N HIS A 60 34.82 -12.53 -9.00
CA HIS A 60 35.15 -12.83 -7.63
C HIS A 60 36.60 -13.27 -7.52
N PHE A 61 37.26 -13.43 -8.67
CA PHE A 61 38.63 -13.86 -8.68
C PHE A 61 39.65 -12.87 -9.20
N TYR A 62 39.21 -11.71 -9.64
CA TYR A 62 40.15 -10.70 -10.11
C TYR A 62 39.56 -9.33 -9.95
N SER A 63 40.37 -8.30 -10.08
CA SER A 63 39.85 -6.94 -9.97
C SER A 63 39.95 -6.33 -11.36
N PRO A 64 38.90 -5.60 -11.79
CA PRO A 64 38.86 -4.97 -13.10
C PRO A 64 40.13 -4.22 -13.46
N GLN A 65 40.63 -3.41 -12.54
CA GLN A 65 41.84 -2.61 -12.78
C GLN A 65 43.05 -3.44 -13.19
N ASP A 66 43.16 -4.64 -12.64
CA ASP A 66 44.27 -5.54 -12.96
C ASP A 66 44.19 -6.10 -14.41
N ILE A 67 43.22 -5.63 -15.19
CA ILE A 67 43.05 -6.05 -16.60
C ILE A 67 43.00 -4.77 -17.44
N PRO A 68 44.11 -4.42 -18.10
CA PRO A 68 44.20 -3.21 -18.92
C PRO A 68 43.40 -3.24 -20.22
N VAL A 69 42.14 -3.63 -20.15
CA VAL A 69 41.33 -3.67 -21.36
C VAL A 69 39.85 -3.36 -21.09
N THR A 70 39.06 -3.18 -22.14
CA THR A 70 37.63 -2.93 -21.97
C THR A 70 36.96 -4.19 -21.44
N LEU A 71 36.28 -4.06 -20.30
CA LEU A 71 35.60 -5.20 -19.69
C LEU A 71 34.09 -5.07 -19.85
N TYR A 72 33.47 -5.97 -20.61
CA TYR A 72 32.03 -5.92 -20.79
C TYR A 72 31.36 -6.86 -19.80
N SER A 73 30.34 -6.34 -19.11
CA SER A 73 29.56 -7.07 -18.11
C SER A 73 28.05 -7.03 -18.43
N ASP A 74 27.30 -7.94 -17.81
CA ASP A 74 25.87 -8.04 -18.06
C ASP A 74 25.23 -6.69 -18.09
N ALA A 75 25.30 -6.00 -16.97
CA ALA A 75 24.69 -4.70 -16.85
C ALA A 75 25.01 -3.78 -17.98
N ASP A 76 26.22 -3.93 -18.54
CA ASP A 76 26.67 -3.09 -19.64
C ASP A 76 25.71 -3.19 -20.84
N GLU A 77 25.27 -4.39 -21.13
CA GLU A 77 24.37 -4.51 -22.24
C GLU A 77 23.10 -3.69 -22.06
N TRP A 78 22.35 -3.96 -21.00
CA TRP A 78 21.10 -3.27 -20.81
C TRP A 78 21.17 -1.77 -20.60
N GLU A 79 22.23 -1.26 -19.99
CA GLU A 79 22.30 0.18 -19.77
C GLU A 79 22.37 0.97 -21.08
N MET A 80 22.86 0.34 -22.14
CA MET A 80 22.94 1.04 -23.40
C MET A 80 21.75 0.82 -24.34
N TRP A 81 20.77 0.04 -23.90
CA TRP A 81 19.62 -0.18 -24.77
C TRP A 81 18.31 0.39 -24.24
N LYS A 82 17.70 1.29 -25.00
CA LYS A 82 16.45 1.83 -24.54
C LYS A 82 15.42 1.84 -25.68
N SER A 83 15.90 1.66 -26.90
CA SER A 83 15.01 1.64 -28.08
C SER A 83 15.51 0.67 -29.16
N ARG A 84 14.60 0.21 -30.00
CA ARG A 84 14.95 -0.73 -31.06
C ARG A 84 16.10 -0.21 -31.92
N SER A 85 16.30 1.12 -31.88
CA SER A 85 17.35 1.76 -32.64
C SER A 85 18.67 1.49 -31.94
N ASP A 86 18.62 1.54 -30.61
CA ASP A 86 19.78 1.31 -29.77
C ASP A 86 20.46 -0.02 -30.06
N PRO A 87 21.78 -0.11 -29.77
CA PRO A 87 22.65 -1.28 -29.98
C PRO A 87 22.40 -2.48 -29.05
N VAL A 88 22.86 -3.65 -29.48
CA VAL A 88 22.69 -4.89 -28.72
C VAL A 88 24.02 -5.54 -28.35
N LEU A 89 24.70 -4.94 -27.38
CA LEU A 89 26.01 -5.37 -26.94
C LEU A 89 26.34 -6.79 -27.27
N HIS A 90 25.61 -7.75 -26.72
CA HIS A 90 25.97 -9.12 -27.03
C HIS A 90 26.03 -9.38 -28.52
N ILE A 91 25.18 -8.70 -29.29
CA ILE A 91 25.19 -8.83 -30.75
C ILE A 91 26.43 -8.09 -31.28
N ASP A 92 26.55 -6.81 -30.90
CA ASP A 92 27.68 -5.97 -31.31
C ASP A 92 29.02 -6.68 -31.10
N LEU A 93 29.14 -7.38 -29.97
CA LEU A 93 30.36 -8.08 -29.63
C LEU A 93 30.56 -9.33 -30.47
N ARG A 94 29.45 -9.93 -30.90
CA ARG A 94 29.54 -11.14 -31.70
C ARG A 94 29.96 -10.86 -33.16
N ARG A 95 29.70 -9.65 -33.65
CA ARG A 95 30.08 -9.28 -35.01
C ARG A 95 31.47 -8.62 -35.04
N TRP A 96 32.02 -8.38 -33.86
CA TRP A 96 33.33 -7.73 -33.71
C TRP A 96 34.51 -8.66 -33.45
N ALA A 97 34.25 -9.78 -32.80
CA ALA A 97 35.33 -10.68 -32.50
C ALA A 97 35.66 -11.54 -33.69
N ASP A 98 36.95 -11.80 -33.86
CA ASP A 98 37.44 -12.66 -34.95
C ASP A 98 37.60 -14.03 -34.30
N LEU A 99 38.00 -14.01 -33.04
CA LEU A 99 38.19 -15.21 -32.22
C LEU A 99 37.58 -14.95 -30.82
N LEU A 100 36.92 -15.96 -30.27
CA LEU A 100 36.31 -15.86 -28.93
C LEU A 100 36.87 -16.92 -27.99
N LEU A 101 37.85 -16.56 -27.16
CA LEU A 101 38.42 -17.53 -26.23
C LEU A 101 37.72 -17.37 -24.89
N VAL A 102 37.43 -18.49 -24.28
CA VAL A 102 36.75 -18.49 -23.00
C VAL A 102 37.61 -19.14 -21.95
N ALA A 103 38.45 -18.36 -21.30
CA ALA A 103 39.34 -18.94 -20.31
C ALA A 103 39.17 -18.36 -18.92
N PRO A 104 38.62 -19.14 -17.97
CA PRO A 104 38.09 -20.53 -17.97
C PRO A 104 36.60 -20.71 -18.23
N LEU A 105 36.21 -21.92 -18.59
CA LEU A 105 34.81 -22.22 -18.84
C LEU A 105 34.45 -23.11 -17.65
N ASP A 106 33.56 -22.64 -16.77
CA ASP A 106 33.24 -23.45 -15.62
C ASP A 106 32.21 -24.52 -15.89
N ALA A 107 32.09 -25.43 -14.93
CA ALA A 107 31.15 -26.52 -15.09
C ALA A 107 29.75 -26.03 -15.28
N ASN A 108 29.51 -24.80 -14.83
CA ASN A 108 28.19 -24.22 -14.87
C ASN A 108 27.88 -23.67 -16.26
N THR A 109 28.76 -22.81 -16.77
CA THR A 109 28.53 -22.22 -18.07
C THR A 109 28.56 -23.27 -19.18
N LEU A 110 29.23 -24.38 -18.90
CA LEU A 110 29.34 -25.49 -19.84
C LEU A 110 27.94 -26.05 -20.02
N GLY A 111 27.27 -26.27 -18.90
CA GLY A 111 25.90 -26.80 -18.91
C GLY A 111 24.93 -25.78 -19.46
N LYS A 112 25.27 -24.51 -19.36
CA LYS A 112 24.36 -23.47 -19.89
C LYS A 112 24.43 -23.48 -21.40
N VAL A 113 25.69 -23.48 -21.86
CA VAL A 113 26.01 -23.50 -23.29
C VAL A 113 25.50 -24.80 -23.92
N ALA A 114 25.73 -25.89 -23.21
CA ALA A 114 25.31 -27.20 -23.65
C ALA A 114 23.82 -27.19 -23.87
N SER A 115 23.11 -26.46 -23.03
CA SER A 115 21.66 -26.41 -23.13
C SER A 115 21.07 -25.16 -23.78
N GLY A 116 21.90 -24.41 -24.52
CA GLY A 116 21.43 -23.20 -25.19
C GLY A 116 20.68 -22.31 -24.22
N ILE A 117 21.38 -21.93 -23.16
CA ILE A 117 20.83 -21.12 -22.10
C ILE A 117 21.54 -19.76 -22.06
N CYS A 118 20.93 -18.71 -22.58
CA CYS A 118 21.61 -17.42 -22.56
C CYS A 118 21.01 -16.51 -21.45
N ASP A 119 21.52 -16.66 -20.22
CA ASP A 119 20.97 -15.86 -19.12
C ASP A 119 21.88 -14.78 -18.65
N ASN A 120 22.96 -14.58 -19.39
CA ASN A 120 23.94 -13.55 -19.06
C ASN A 120 24.73 -13.16 -20.32
N LEU A 121 25.27 -11.95 -20.34
CA LEU A 121 26.01 -11.45 -21.48
C LEU A 121 27.00 -12.44 -22.12
N LEU A 122 27.67 -13.24 -21.31
CA LEU A 122 28.59 -14.21 -21.88
C LEU A 122 27.79 -15.23 -22.67
N THR A 123 27.14 -16.16 -21.97
CA THR A 123 26.38 -17.16 -22.66
C THR A 123 25.54 -16.64 -23.84
N CYS A 124 25.18 -15.37 -23.84
CA CYS A 124 24.42 -14.89 -24.96
C CYS A 124 25.36 -14.64 -26.15
N VAL A 125 26.52 -14.04 -25.90
CA VAL A 125 27.45 -13.84 -26.98
C VAL A 125 27.72 -15.19 -27.66
N MET A 126 27.94 -16.23 -26.86
CA MET A 126 28.22 -17.57 -27.39
C MET A 126 27.07 -18.09 -28.22
N ARG A 127 25.87 -18.13 -27.65
CA ARG A 127 24.70 -18.64 -28.35
C ARG A 127 24.35 -17.85 -29.59
N ALA A 128 24.98 -16.71 -29.82
CA ALA A 128 24.68 -15.94 -31.02
C ALA A 128 25.91 -15.96 -31.91
N TRP A 129 26.92 -16.67 -31.43
CA TRP A 129 28.19 -16.77 -32.13
C TRP A 129 28.09 -17.04 -33.61
N ASP A 130 29.21 -16.78 -34.27
CA ASP A 130 29.37 -16.97 -35.69
C ASP A 130 30.11 -18.28 -35.87
N ARG A 131 29.53 -19.18 -36.63
CA ARG A 131 30.17 -20.45 -36.91
C ARG A 131 31.50 -20.13 -37.57
N SER A 132 31.38 -19.30 -38.61
CA SER A 132 32.48 -18.84 -39.47
C SER A 132 33.76 -18.41 -38.74
N LYS A 133 33.59 -18.06 -37.46
CA LYS A 133 34.71 -17.64 -36.63
C LYS A 133 34.95 -18.74 -35.61
N PRO A 134 36.15 -18.79 -35.03
CA PRO A 134 36.54 -19.81 -34.04
C PRO A 134 36.24 -19.46 -32.59
N LEU A 135 35.86 -20.48 -31.85
CA LEU A 135 35.49 -20.36 -30.45
C LEU A 135 36.28 -21.41 -29.67
N LEU A 136 37.49 -21.11 -29.25
CA LEU A 136 38.25 -22.11 -28.50
C LEU A 136 38.03 -21.87 -27.02
N PHE A 137 37.68 -22.95 -26.33
CA PHE A 137 37.42 -22.90 -24.90
C PHE A 137 38.29 -23.85 -24.14
N CYS A 138 38.27 -23.76 -22.81
CA CYS A 138 39.04 -24.66 -21.95
C CYS A 138 38.48 -24.83 -20.60
N PRO A 139 37.71 -25.89 -20.45
CA PRO A 139 37.05 -26.24 -19.20
C PRO A 139 38.09 -26.12 -18.11
N ALA A 140 37.66 -25.69 -16.93
CA ALA A 140 38.59 -25.53 -15.81
C ALA A 140 37.89 -25.66 -14.47
N MET A 141 37.42 -26.85 -14.15
CA MET A 141 36.75 -27.06 -12.89
C MET A 141 37.71 -27.66 -11.88
N ASN A 142 37.21 -28.67 -11.16
CA ASN A 142 37.98 -29.35 -10.13
C ASN A 142 37.86 -30.85 -10.36
N THR A 143 38.91 -31.59 -9.97
CA THR A 143 38.93 -33.05 -10.12
C THR A 143 37.53 -33.65 -9.97
N ALA A 144 36.89 -33.37 -8.84
CA ALA A 144 35.55 -33.87 -8.56
C ALA A 144 34.57 -33.54 -9.68
N MET A 145 34.18 -32.26 -9.77
CA MET A 145 33.24 -31.80 -10.79
C MET A 145 33.57 -32.34 -12.16
N TRP A 146 34.86 -32.49 -12.42
CA TRP A 146 35.30 -33.00 -13.70
C TRP A 146 35.20 -34.53 -13.72
N GLU A 147 35.56 -35.18 -12.62
CA GLU A 147 35.50 -36.65 -12.53
C GLU A 147 34.06 -37.18 -12.51
N HIS A 148 33.12 -36.35 -12.97
CA HIS A 148 31.69 -36.68 -13.04
C HIS A 148 31.33 -36.92 -14.52
N PRO A 149 30.21 -37.62 -14.77
CA PRO A 149 29.77 -37.90 -16.13
C PRO A 149 29.51 -36.69 -17.01
N ILE A 150 28.26 -36.24 -17.02
CA ILE A 150 27.83 -35.11 -17.86
C ILE A 150 28.97 -34.34 -18.50
N THR A 151 29.93 -33.93 -17.67
CA THR A 151 31.07 -33.14 -18.16
C THR A 151 31.56 -33.68 -19.48
N ALA A 152 31.60 -35.00 -19.60
CA ALA A 152 32.05 -35.67 -20.81
C ALA A 152 30.94 -35.58 -21.87
N GLN A 153 29.77 -36.11 -21.53
CA GLN A 153 28.60 -36.10 -22.42
C GLN A 153 28.26 -34.69 -22.87
N GLN A 154 28.91 -33.72 -22.24
CA GLN A 154 28.66 -32.32 -22.49
C GLN A 154 29.80 -31.65 -23.25
N VAL A 155 31.03 -31.91 -22.81
CA VAL A 155 32.18 -31.33 -23.47
C VAL A 155 32.21 -31.75 -24.95
N ASP A 156 31.90 -33.01 -25.22
CA ASP A 156 31.87 -33.48 -26.60
C ASP A 156 30.54 -33.10 -27.22
N GLN A 157 29.51 -32.95 -26.39
CA GLN A 157 28.20 -32.51 -26.88
C GLN A 157 28.45 -31.09 -27.35
N LEU A 158 29.43 -30.45 -26.71
CA LEU A 158 29.80 -29.08 -27.05
C LEU A 158 30.66 -29.11 -28.29
N LYS A 159 31.37 -30.22 -28.48
CA LYS A 159 32.23 -30.39 -29.62
C LYS A 159 31.36 -30.48 -30.85
N ALA A 160 30.16 -31.01 -30.67
CA ALA A 160 29.22 -31.10 -31.78
C ALA A 160 29.19 -29.76 -32.54
N PHE A 161 29.41 -28.66 -31.83
CA PHE A 161 29.42 -27.37 -32.48
C PHE A 161 30.87 -27.00 -32.71
N GLY A 162 31.76 -27.93 -32.39
CA GLY A 162 33.18 -27.73 -32.58
C GLY A 162 33.64 -26.40 -32.02
N TYR A 163 33.85 -26.36 -30.70
CA TYR A 163 34.32 -25.15 -30.07
C TYR A 163 35.77 -25.28 -29.60
N VAL A 164 36.51 -26.17 -30.23
CA VAL A 164 37.92 -26.38 -29.91
C VAL A 164 38.29 -26.37 -28.42
N GLU A 165 38.18 -27.51 -27.77
CA GLU A 165 38.54 -27.64 -26.35
C GLU A 165 40.01 -27.33 -26.13
N ILE A 166 40.48 -27.48 -24.88
CA ILE A 166 41.87 -27.19 -24.51
C ILE A 166 42.21 -27.86 -23.16
N PRO A 167 41.46 -28.91 -22.82
CA PRO A 167 41.65 -29.64 -21.56
C PRO A 167 43.11 -29.67 -21.11
N VAL A 186 48.78 -20.70 -17.21
CA VAL A 186 48.30 -20.30 -18.53
C VAL A 186 49.02 -21.12 -19.59
N GLY A 187 49.73 -20.44 -20.48
CA GLY A 187 50.51 -21.09 -21.54
C GLY A 187 49.72 -21.74 -22.68
N THR A 188 49.68 -23.07 -22.66
CA THR A 188 49.00 -23.86 -23.70
C THR A 188 47.97 -23.02 -24.44
N ILE A 189 46.99 -22.50 -23.69
CA ILE A 189 45.94 -21.67 -24.25
C ILE A 189 46.58 -20.59 -25.11
N VAL A 190 47.39 -19.76 -24.46
CA VAL A 190 48.06 -18.66 -25.13
C VAL A 190 48.52 -19.02 -26.53
N ASP A 191 49.51 -19.90 -26.64
CA ASP A 191 50.01 -20.30 -27.94
C ASP A 191 48.81 -20.62 -28.82
N LYS A 192 48.04 -21.60 -28.39
CA LYS A 192 46.87 -22.05 -29.13
C LYS A 192 46.02 -20.93 -29.70
N VAL A 193 46.00 -19.76 -29.08
CA VAL A 193 45.18 -18.68 -29.61
C VAL A 193 45.58 -18.52 -31.07
N LYS A 194 46.80 -18.06 -31.30
CA LYS A 194 47.32 -17.84 -32.64
C LYS A 194 47.07 -19.00 -33.60
N GLU A 195 48.12 -19.81 -33.75
CA GLU A 195 48.12 -20.98 -34.62
C GLU A 195 47.48 -20.72 -36.02
N VAL A 196 47.67 -19.50 -36.53
CA VAL A 196 47.12 -19.08 -37.84
C VAL A 196 46.86 -20.25 -38.80
N ARG B 18 40.30 56.99 1.05
CA ARG B 18 40.48 55.55 1.23
C ARG B 18 40.67 55.21 2.69
N LYS B 19 41.76 54.49 2.98
CA LYS B 19 42.10 54.06 4.33
C LYS B 19 41.05 53.05 4.75
N PHE B 20 41.48 51.89 5.20
CA PHE B 20 40.54 50.86 5.60
C PHE B 20 39.78 51.23 6.88
N HIS B 21 38.49 50.85 6.93
CA HIS B 21 37.60 51.09 8.08
C HIS B 21 37.36 49.83 8.90
N VAL B 22 38.01 49.74 10.06
CA VAL B 22 37.78 48.59 10.91
C VAL B 22 36.99 49.05 12.12
N LEU B 23 35.98 48.26 12.42
CA LEU B 23 35.12 48.49 13.53
C LEU B 23 35.35 47.41 14.55
N VAL B 24 35.85 47.81 15.73
CA VAL B 24 36.08 46.85 16.80
C VAL B 24 34.92 46.85 17.79
N GLY B 25 34.29 45.67 17.97
CA GLY B 25 33.18 45.54 18.90
C GLY B 25 33.73 44.98 20.19
N VAL B 26 33.25 45.46 21.34
CA VAL B 26 33.75 44.96 22.62
C VAL B 26 32.59 44.55 23.53
N THR B 27 32.74 43.40 24.18
CA THR B 27 31.71 42.89 25.06
C THR B 27 32.23 42.74 26.50
N GLY B 28 31.37 42.21 27.37
CA GLY B 28 31.68 42.06 28.78
C GLY B 28 32.61 40.96 29.28
N SER B 29 33.73 40.75 28.60
CA SER B 29 34.70 39.74 29.01
C SER B 29 35.94 40.40 29.58
N VAL B 30 36.54 39.80 30.61
CA VAL B 30 37.74 40.40 31.21
C VAL B 30 38.78 40.72 30.16
N ALA B 31 38.66 40.08 28.99
CA ALA B 31 39.60 40.32 27.89
C ALA B 31 39.64 41.79 27.44
N ALA B 32 38.50 42.48 27.52
CA ALA B 32 38.43 43.89 27.11
C ALA B 32 39.43 44.67 27.92
N LEU B 33 39.87 44.06 29.01
CA LEU B 33 40.87 44.66 29.86
C LEU B 33 41.99 45.05 28.91
N LYS B 34 42.33 44.13 28.00
CA LYS B 34 43.40 44.34 27.03
C LYS B 34 42.97 45.07 25.74
N LEU B 35 41.72 45.51 25.69
CA LEU B 35 41.16 46.24 24.55
C LEU B 35 42.03 47.43 24.06
N PRO B 36 42.57 48.22 25.01
CA PRO B 36 43.39 49.35 24.59
C PRO B 36 44.50 48.91 23.64
N LEU B 37 45.25 47.87 24.04
CA LEU B 37 46.36 47.32 23.26
C LEU B 37 45.98 47.15 21.80
N LEU B 38 44.88 46.43 21.60
CA LEU B 38 44.36 46.19 20.27
C LEU B 38 44.22 47.47 19.48
N VAL B 39 43.56 48.45 20.08
CA VAL B 39 43.34 49.74 19.44
C VAL B 39 44.58 50.47 19.01
N SER B 40 45.52 50.64 19.96
CA SER B 40 46.77 51.34 19.69
C SER B 40 47.61 50.68 18.63
N LYS B 41 47.47 49.36 18.53
CA LYS B 41 48.18 48.58 17.54
C LYS B 41 47.39 48.74 16.23
N LEU B 42 46.22 48.13 16.17
CA LEU B 42 45.37 48.22 14.98
C LEU B 42 45.34 49.64 14.41
N LEU B 43 45.59 50.66 15.24
CA LEU B 43 45.61 52.05 14.77
C LEU B 43 47.00 52.42 14.27
N GLY B 47 48.12 51.73 9.39
CA GLY B 47 47.71 51.69 8.00
C GLY B 47 46.23 51.90 7.73
N LEU B 48 45.37 51.61 8.72
CA LEU B 48 43.92 51.75 8.59
C LEU B 48 43.30 52.77 9.58
N GLU B 49 41.97 52.89 9.60
CA GLU B 49 41.30 53.81 10.55
C GLU B 49 40.23 53.03 11.33
N VAL B 50 40.18 53.22 12.65
CA VAL B 50 39.23 52.45 13.47
C VAL B 50 38.21 53.21 14.33
N ALA B 51 37.30 52.42 14.91
CA ALA B 51 36.23 52.89 15.80
C ALA B 51 35.73 51.70 16.60
N VAL B 52 35.46 51.92 17.88
CA VAL B 52 34.95 50.85 18.70
C VAL B 52 33.49 51.06 19.11
N VAL B 53 32.76 49.96 19.12
CA VAL B 53 31.37 49.91 19.51
C VAL B 53 31.27 48.93 20.69
N THR B 54 30.83 49.41 21.86
CA THR B 54 30.75 48.50 22.99
C THR B 54 29.38 48.15 23.50
N THR B 55 29.41 47.23 24.44
CA THR B 55 28.23 46.81 25.12
C THR B 55 28.40 47.58 26.39
N GLU B 56 27.37 47.61 27.22
CA GLU B 56 27.51 48.34 28.44
C GLU B 56 28.50 47.65 29.36
N ARG B 57 28.24 46.40 29.70
CA ARG B 57 29.11 45.70 30.63
C ARG B 57 30.58 45.72 30.27
N ALA B 58 30.87 45.63 28.97
CA ALA B 58 32.25 45.69 28.50
C ALA B 58 32.99 46.86 29.13
N LYS B 59 32.33 48.01 29.16
CA LYS B 59 32.91 49.23 29.71
C LYS B 59 33.30 49.01 31.14
N HIS B 60 33.10 47.80 31.62
CA HIS B 60 33.46 47.49 32.99
C HIS B 60 34.94 47.08 33.06
N PHE B 61 35.55 46.92 31.89
CA PHE B 61 36.94 46.50 31.83
C PHE B 61 37.95 47.51 31.31
N TYR B 62 37.47 48.65 30.83
CA TYR B 62 38.39 49.68 30.36
C TYR B 62 37.76 51.04 30.56
N SER B 63 38.53 52.10 30.39
CA SER B 63 37.99 53.44 30.53
C SER B 63 38.06 54.04 29.13
N PRO B 64 36.99 54.74 28.72
CA PRO B 64 36.91 55.36 27.40
C PRO B 64 38.16 56.14 27.00
N GLN B 65 38.67 56.98 27.90
CA GLN B 65 39.85 57.80 27.62
C GLN B 65 41.07 56.97 27.17
N ASP B 66 41.21 55.78 27.74
CA ASP B 66 42.32 54.88 27.39
C ASP B 66 42.22 54.29 25.95
N ILE B 67 41.25 54.78 25.16
CA ILE B 67 41.04 54.36 23.78
C ILE B 67 40.93 55.63 22.93
N PRO B 68 42.03 56.01 22.27
CA PRO B 68 42.09 57.22 21.43
C PRO B 68 41.25 57.18 20.17
N VAL B 69 40.00 56.76 20.25
CA VAL B 69 39.16 56.69 19.05
C VAL B 69 37.69 56.96 19.37
N THR B 70 36.86 57.12 18.33
CA THR B 70 35.44 57.36 18.53
C THR B 70 34.80 56.10 19.08
N LEU B 71 34.14 56.21 20.23
CA LEU B 71 33.49 55.07 20.86
C LEU B 71 31.98 55.19 20.75
N TYR B 72 31.36 54.26 20.03
CA TYR B 72 29.90 54.27 19.90
C TYR B 72 29.29 53.31 20.91
N SER B 73 28.28 53.82 21.62
CA SER B 73 27.53 53.09 22.65
C SER B 73 26.03 53.07 22.37
N ASP B 74 25.32 52.15 23.00
CA ASP B 74 23.88 52.04 22.77
C ASP B 74 23.22 53.38 22.76
N ALA B 75 23.33 54.08 23.87
CA ALA B 75 22.70 55.38 23.99
C ALA B 75 22.96 56.31 22.84
N ASP B 76 24.14 56.18 22.23
CA ASP B 76 24.54 57.03 21.11
C ASP B 76 23.55 56.91 19.94
N GLU B 77 23.08 55.71 19.68
CA GLU B 77 22.18 55.54 18.59
C GLU B 77 20.93 56.35 18.81
N TRP B 78 20.20 56.04 19.87
CA TRP B 78 18.93 56.75 20.10
C TRP B 78 18.99 58.26 20.30
N GLU B 79 20.04 58.77 20.90
CA GLU B 79 20.11 60.20 21.10
C GLU B 79 20.14 60.98 19.79
N MET B 80 20.59 60.33 18.72
CA MET B 80 20.64 61.04 17.44
C MET B 80 19.44 60.83 16.54
N TRP B 81 18.49 60.03 16.99
CA TRP B 81 17.32 59.79 16.16
C TRP B 81 16.01 60.32 16.75
N LYS B 82 15.35 61.19 16.01
CA LYS B 82 14.10 61.72 16.50
C LYS B 82 13.05 61.72 15.38
N SER B 83 13.48 61.53 14.13
CA SER B 83 12.57 61.50 12.97
C SER B 83 13.06 60.54 11.89
N ARG B 84 12.14 60.06 11.06
CA ARG B 84 12.50 59.11 9.99
C ARG B 84 13.63 59.65 9.10
N SER B 85 13.82 60.97 9.10
CA SER B 85 14.86 61.62 8.31
C SER B 85 16.18 61.39 9.00
N ASP B 86 16.16 61.45 10.32
CA ASP B 86 17.34 61.25 11.15
C ASP B 86 18.03 59.92 10.85
N PRO B 87 19.34 59.86 11.10
CA PRO B 87 20.21 58.71 10.89
C PRO B 87 20.02 57.51 11.82
N VAL B 88 20.48 56.33 11.38
CA VAL B 88 20.35 55.10 12.15
C VAL B 88 21.72 54.47 12.50
N LEU B 89 22.41 55.09 13.47
CA LEU B 89 23.73 54.67 13.87
C LEU B 89 24.09 53.26 13.54
N HIS B 90 23.39 52.28 14.10
CA HIS B 90 23.76 50.91 13.79
C HIS B 90 23.80 50.62 12.30
N ILE B 91 22.93 51.26 11.54
CA ILE B 91 22.93 51.09 10.09
C ILE B 91 24.06 51.97 9.47
N ASP B 92 24.22 53.22 9.93
CA ASP B 92 25.29 54.10 9.46
C ASP B 92 26.65 53.42 9.63
N LEU B 93 26.83 52.75 10.77
CA LEU B 93 28.09 52.06 11.07
C LEU B 93 28.26 50.81 10.22
N ARG B 94 27.13 50.21 9.83
CA ARG B 94 27.14 49.00 9.02
C ARG B 94 27.53 49.23 7.57
N ARG B 95 27.34 50.45 7.09
CA ARG B 95 27.68 50.81 5.72
C ARG B 95 29.06 51.48 5.66
N TRP B 96 29.65 51.74 6.83
CA TRP B 96 30.94 52.42 6.92
C TRP B 96 32.13 51.51 7.14
N ALA B 97 31.92 50.40 7.81
CA ALA B 97 33.02 49.50 8.08
C ALA B 97 33.34 48.64 6.89
N ASP B 98 34.64 48.40 6.69
CA ASP B 98 35.11 47.56 5.61
C ASP B 98 35.30 46.20 6.26
N LEU B 99 35.73 46.23 7.52
CA LEU B 99 35.94 45.03 8.34
C LEU B 99 35.38 45.28 9.74
N LEU B 100 34.75 44.27 10.32
CA LEU B 100 34.17 44.37 11.65
C LEU B 100 34.79 43.34 12.59
N LEU B 101 35.76 43.79 13.39
CA LEU B 101 36.46 42.94 14.35
C LEU B 101 35.79 43.02 15.73
N VAL B 102 35.47 41.86 16.31
CA VAL B 102 34.82 41.80 17.61
C VAL B 102 35.71 41.16 18.65
N ALA B 103 36.56 41.94 19.27
CA ALA B 103 37.47 41.37 20.24
C ALA B 103 37.32 41.97 21.63
N PRO B 104 36.79 41.20 22.60
CA PRO B 104 36.29 39.80 22.62
C PRO B 104 34.78 39.61 22.42
N LEU B 105 34.41 38.40 22.05
CA LEU B 105 33.01 38.05 21.84
C LEU B 105 32.71 37.16 23.04
N ASP B 106 31.84 37.60 23.92
CA ASP B 106 31.55 36.79 25.09
C ASP B 106 30.52 35.71 24.84
N ALA B 107 30.44 34.80 25.80
CA ALA B 107 29.53 33.68 25.70
C ALA B 107 28.11 34.15 25.54
N ASN B 108 27.87 35.37 26.00
CA ASN B 108 26.55 35.95 25.98
C ASN B 108 26.18 36.47 24.58
N THR B 109 27.02 37.34 24.04
CA THR B 109 26.76 37.92 22.75
C THR B 109 26.77 36.88 21.65
N LEU B 110 27.50 35.78 21.91
CA LEU B 110 27.60 34.67 20.95
C LEU B 110 26.18 34.07 20.79
N GLY B 111 25.54 33.82 21.93
CA GLY B 111 24.19 33.28 21.95
C GLY B 111 23.18 34.29 21.46
N LYS B 112 23.50 35.58 21.54
CA LYS B 112 22.55 36.58 21.07
C LYS B 112 22.61 36.58 19.55
N VAL B 113 23.84 36.59 19.03
CA VAL B 113 24.12 36.58 17.60
C VAL B 113 23.61 35.27 17.00
N ALA B 114 23.93 34.18 17.70
CA ALA B 114 23.53 32.87 17.29
C ALA B 114 22.03 32.85 17.06
N SER B 115 21.31 33.54 17.94
CA SER B 115 19.84 33.59 17.87
C SER B 115 19.23 34.84 17.23
N GLY B 116 20.04 35.58 16.47
CA GLY B 116 19.54 36.80 15.82
C GLY B 116 18.78 37.69 16.79
N ILE B 117 19.49 38.07 17.84
CA ILE B 117 18.94 38.87 18.91
C ILE B 117 19.63 40.22 18.92
N CYS B 118 18.97 41.26 18.43
CA CYS B 118 19.64 42.57 18.42
C CYS B 118 19.08 43.47 19.52
N ASP B 119 19.57 43.31 20.75
CA ASP B 119 19.04 44.14 21.84
C ASP B 119 19.97 45.26 22.29
N ASN B 120 21.06 45.45 21.55
CA ASN B 120 22.03 46.50 21.84
C ASN B 120 22.76 46.91 20.58
N LEU B 121 23.32 48.11 20.56
CA LEU B 121 24.00 48.63 19.37
C LEU B 121 24.96 47.64 18.69
N LEU B 122 25.67 46.84 19.48
CA LEU B 122 26.59 45.89 18.88
C LEU B 122 25.79 44.89 18.14
N THR B 123 25.20 43.96 18.86
CA THR B 123 24.42 42.94 18.18
C THR B 123 23.54 43.44 17.03
N CYS B 124 23.19 44.72 17.02
CA CYS B 124 22.37 45.16 15.91
C CYS B 124 23.26 45.41 14.70
N VAL B 125 24.43 46.02 14.92
CA VAL B 125 25.33 46.25 13.82
C VAL B 125 25.60 44.89 13.13
N MET B 126 25.86 43.86 13.94
CA MET B 126 26.15 42.54 13.41
C MET B 126 24.97 41.99 12.60
N ARG B 127 23.80 41.92 13.22
CA ARG B 127 22.62 41.39 12.55
C ARG B 127 22.22 42.17 11.31
N ALA B 128 22.86 43.31 11.07
CA ALA B 128 22.51 44.08 9.88
C ALA B 128 23.72 44.08 8.94
N TRP B 129 24.77 43.40 9.39
CA TRP B 129 26.02 43.31 8.66
C TRP B 129 25.86 42.98 7.18
N ASP B 130 26.96 43.09 6.44
CA ASP B 130 26.95 42.76 5.00
C ASP B 130 27.87 41.57 4.79
N ARG B 131 27.35 40.48 4.22
CA ARG B 131 28.20 39.32 3.98
C ARG B 131 29.25 39.64 2.91
N SER B 132 29.14 40.80 2.27
CA SER B 132 30.11 41.24 1.25
C SER B 132 31.40 41.72 1.94
N LYS B 133 31.27 42.09 3.22
CA LYS B 133 32.43 42.54 4.00
C LYS B 133 32.71 41.44 5.02
N PRO B 134 33.93 41.41 5.57
CA PRO B 134 34.36 40.41 6.56
C PRO B 134 34.06 40.76 8.02
N LEU B 135 33.71 39.73 8.79
CA LEU B 135 33.39 39.85 10.21
C LEU B 135 34.22 38.83 10.96
N LEU B 136 35.40 39.23 11.42
CA LEU B 136 36.31 38.34 12.12
C LEU B 136 36.09 38.43 13.63
N PHE B 137 35.72 37.33 14.26
CA PHE B 137 35.48 37.36 15.69
C PHE B 137 36.41 36.45 16.45
N CYS B 138 36.48 36.64 17.76
CA CYS B 138 37.36 35.81 18.57
C CYS B 138 36.77 35.54 19.96
N PRO B 139 35.98 34.44 20.12
CA PRO B 139 35.36 34.09 21.40
C PRO B 139 36.39 34.20 22.48
N ALA B 140 35.99 34.63 23.67
CA ALA B 140 36.93 34.79 24.78
C ALA B 140 36.27 34.65 26.14
N MET B 141 35.85 33.45 26.46
CA MET B 141 35.21 33.26 27.74
C MET B 141 36.18 32.66 28.75
N ASN B 142 35.72 31.66 29.48
CA ASN B 142 36.52 31.00 30.49
C ASN B 142 36.42 29.51 30.26
N THR B 143 37.49 28.80 30.63
CA THR B 143 37.51 27.37 30.46
C THR B 143 36.12 26.77 30.66
N ALA B 144 35.55 26.99 31.83
CA ALA B 144 34.22 26.47 32.14
C ALA B 144 33.21 26.78 31.04
N MET B 145 32.78 28.04 30.97
CA MET B 145 31.80 28.46 29.97
C MET B 145 32.12 27.93 28.59
N TRP B 146 33.41 27.79 28.30
CA TRP B 146 33.84 27.28 27.01
C TRP B 146 33.76 25.75 26.99
N GLU B 147 34.15 25.11 28.09
CA GLU B 147 34.12 23.66 28.18
C GLU B 147 32.69 23.09 28.23
N HIS B 148 31.73 23.90 27.80
CA HIS B 148 30.31 23.53 27.76
C HIS B 148 29.93 23.28 26.29
N PRO B 149 28.79 22.59 26.07
CA PRO B 149 28.32 22.28 24.72
C PRO B 149 28.02 23.50 23.87
N ILE B 150 26.75 23.91 23.85
CA ILE B 150 26.30 25.03 23.03
C ILE B 150 27.40 25.84 22.35
N THR B 151 28.38 26.27 23.13
CA THR B 151 29.50 27.08 22.62
C THR B 151 30.07 26.51 21.32
N ALA B 152 29.99 25.19 21.18
CA ALA B 152 30.48 24.53 19.98
C ALA B 152 29.36 24.60 18.95
N GLN B 153 28.26 23.97 19.29
CA GLN B 153 27.09 23.93 18.45
C GLN B 153 26.71 25.35 17.98
N GLN B 154 27.27 26.36 18.66
CA GLN B 154 27.00 27.79 18.39
C GLN B 154 28.08 28.51 17.61
N VAL B 155 29.32 28.24 17.98
CA VAL B 155 30.45 28.86 17.30
C VAL B 155 30.43 28.43 15.82
N ASP B 156 30.09 27.17 15.56
CA ASP B 156 30.05 26.69 14.18
C ASP B 156 28.73 27.11 13.60
N GLN B 157 27.73 27.14 14.45
CA GLN B 157 26.42 27.58 14.03
C GLN B 157 26.64 29.00 13.54
N LEU B 158 27.62 29.66 14.14
CA LEU B 158 27.97 31.02 13.79
C LEU B 158 28.81 31.02 12.53
N LYS B 159 29.49 29.90 12.33
CA LYS B 159 30.34 29.75 11.16
C LYS B 159 29.42 29.65 9.94
N ALA B 160 28.23 29.11 10.16
CA ALA B 160 27.26 28.99 9.07
C ALA B 160 27.19 30.32 8.30
N PHE B 161 27.41 31.43 9.00
CA PHE B 161 27.39 32.73 8.35
C PHE B 161 28.84 33.12 8.09
N GLY B 162 29.74 32.18 8.39
CA GLY B 162 31.17 32.42 8.18
C GLY B 162 31.62 33.76 8.70
N TYR B 163 31.86 33.81 10.01
CA TYR B 163 32.31 35.04 10.63
C TYR B 163 33.77 34.94 11.07
N VAL B 164 34.52 34.05 10.41
CA VAL B 164 35.95 33.86 10.69
C VAL B 164 36.35 33.89 12.17
N GLU B 165 36.26 32.74 12.84
CA GLU B 165 36.65 32.64 14.25
C GLU B 165 38.14 32.97 14.44
N ILE B 166 38.63 32.85 15.67
CA ILE B 166 40.04 33.14 16.01
C ILE B 166 40.42 32.49 17.35
N PRO B 167 39.71 31.43 17.72
CA PRO B 167 39.95 30.72 18.98
C PRO B 167 41.42 30.72 19.39
N VAL B 186 47.00 39.79 23.11
CA VAL B 186 46.49 40.19 21.80
C VAL B 186 47.21 39.37 20.74
N GLY B 187 47.87 40.07 19.82
CA GLY B 187 48.64 39.42 18.74
C GLY B 187 47.82 38.76 17.62
N THR B 188 47.80 37.42 17.62
CA THR B 188 47.09 36.62 16.61
C THR B 188 46.04 37.42 15.90
N ILE B 189 45.10 37.94 16.68
CA ILE B 189 44.02 38.74 16.14
C ILE B 189 44.63 39.82 15.28
N VAL B 190 45.46 40.66 15.91
CA VAL B 190 46.10 41.77 15.23
C VAL B 190 46.52 41.44 13.80
N ASP B 191 47.51 40.56 13.68
CA ASP B 191 47.98 40.16 12.36
C ASP B 191 46.77 39.83 11.51
N LYS B 192 46.05 38.79 11.94
CA LYS B 192 44.84 38.34 11.24
C LYS B 192 43.93 39.46 10.67
N VAL B 193 43.93 40.64 11.29
CA VAL B 193 43.08 41.71 10.78
C VAL B 193 43.39 41.92 9.30
N MET C 16 -82.34 -18.28 -8.13
CA MET C 16 -83.03 -19.45 -8.67
C MET C 16 -83.46 -20.48 -7.60
N GLU C 17 -84.26 -20.05 -6.62
CA GLU C 17 -84.74 -20.94 -5.54
C GLU C 17 -85.62 -22.09 -6.05
N ARG C 18 -85.18 -23.29 -5.72
CA ARG C 18 -85.86 -24.52 -6.13
C ARG C 18 -85.44 -25.62 -5.18
N LYS C 19 -85.05 -26.77 -5.74
CA LYS C 19 -84.58 -27.88 -4.90
C LYS C 19 -83.20 -27.47 -4.42
N PHE C 20 -82.98 -27.47 -3.12
CA PHE C 20 -81.69 -27.08 -2.59
C PHE C 20 -80.59 -28.08 -2.99
N HIS C 21 -79.45 -27.53 -3.42
CA HIS C 21 -78.27 -28.31 -3.82
C HIS C 21 -77.22 -28.39 -2.72
N VAL C 22 -77.25 -29.47 -1.93
CA VAL C 22 -76.25 -29.59 -0.89
C VAL C 22 -75.11 -30.52 -1.33
N LEU C 23 -73.94 -30.25 -0.78
CA LEU C 23 -72.78 -31.04 -1.09
C LEU C 23 -72.15 -31.51 0.22
N VAL C 24 -72.13 -32.82 0.41
CA VAL C 24 -71.49 -33.40 1.59
C VAL C 24 -70.06 -33.86 1.28
N GLY C 25 -69.11 -33.32 2.04
CA GLY C 25 -67.71 -33.70 1.88
C GLY C 25 -67.36 -34.73 2.96
N VAL C 26 -66.59 -35.76 2.62
CA VAL C 26 -66.25 -36.77 3.62
C VAL C 26 -64.75 -36.99 3.66
N THR C 27 -64.19 -37.09 4.87
CA THR C 27 -62.76 -37.28 5.03
C THR C 27 -62.47 -38.58 5.77
N GLY C 28 -61.18 -38.84 6.04
CA GLY C 28 -60.75 -40.07 6.69
C GLY C 28 -60.93 -40.30 8.17
N SER C 29 -62.12 -39.99 8.69
CA SER C 29 -62.39 -40.20 10.11
C SER C 29 -63.34 -41.38 10.27
N VAL C 30 -63.18 -42.19 11.31
CA VAL C 30 -64.06 -43.31 11.54
C VAL C 30 -65.54 -42.87 11.47
N ALA C 31 -65.79 -41.58 11.69
CA ALA C 31 -67.15 -41.03 11.64
C ALA C 31 -67.85 -41.28 10.31
N ALA C 32 -67.09 -41.28 9.21
CA ALA C 32 -67.66 -41.52 7.89
C ALA C 32 -68.36 -42.88 7.90
N LEU C 33 -68.02 -43.67 8.91
CA LEU C 33 -68.63 -44.97 9.07
C LEU C 33 -70.13 -44.71 9.04
N LYS C 34 -70.57 -43.65 9.73
CA LYS C 34 -71.97 -43.29 9.79
C LYS C 34 -72.55 -42.57 8.55
N LEU C 35 -71.68 -41.92 7.79
CA LEU C 35 -72.03 -41.16 6.56
C LEU C 35 -73.29 -41.63 5.80
N PRO C 36 -73.47 -42.95 5.66
CA PRO C 36 -74.67 -43.37 4.94
C PRO C 36 -75.89 -42.71 5.60
N LEU C 37 -75.99 -42.83 6.92
CA LEU C 37 -77.10 -42.28 7.70
C LEU C 37 -77.42 -40.85 7.28
N LEU C 38 -76.40 -40.01 7.33
CA LEU C 38 -76.51 -38.62 6.95
C LEU C 38 -77.15 -38.47 5.59
N VAL C 39 -76.63 -39.21 4.62
CA VAL C 39 -77.16 -39.15 3.26
C VAL C 39 -78.63 -39.51 3.11
N SER C 40 -78.99 -40.68 3.65
CA SER C 40 -80.37 -41.14 3.57
C SER C 40 -81.35 -40.22 4.24
N LYS C 41 -80.87 -39.52 5.27
CA LYS C 41 -81.67 -38.57 6.02
C LYS C 41 -81.71 -37.30 5.17
N LEU C 42 -80.58 -36.60 5.13
CA LEU C 42 -80.46 -35.37 4.34
C LEU C 42 -81.15 -35.50 2.97
N LEU C 43 -81.29 -36.72 2.45
CA LEU C 43 -81.96 -36.91 1.16
C LEU C 43 -83.46 -37.09 1.40
N GLY C 47 -87.11 -32.12 0.26
CA GLY C 47 -86.94 -30.95 -0.58
C GLY C 47 -85.47 -30.65 -0.87
N LEU C 48 -84.62 -31.64 -0.64
CA LEU C 48 -83.18 -31.52 -0.86
C LEU C 48 -82.65 -32.49 -1.93
N GLU C 49 -81.56 -32.11 -2.58
CA GLU C 49 -80.92 -32.95 -3.61
C GLU C 49 -79.44 -32.84 -3.30
N VAL C 50 -78.84 -33.96 -2.89
CA VAL C 50 -77.42 -33.99 -2.51
C VAL C 50 -76.41 -34.69 -3.41
N ALA C 51 -75.15 -34.59 -3.01
CA ALA C 51 -74.01 -35.22 -3.68
C ALA C 51 -72.82 -35.24 -2.70
N VAL C 52 -72.06 -36.32 -2.70
CA VAL C 52 -70.92 -36.38 -1.80
C VAL C 52 -69.60 -36.35 -2.55
N VAL C 53 -68.63 -35.66 -1.95
CA VAL C 53 -67.29 -35.53 -2.48
C VAL C 53 -66.36 -36.06 -1.39
N THR C 54 -65.58 -37.10 -1.70
CA THR C 54 -64.69 -37.66 -0.70
C THR C 54 -63.22 -37.52 -0.92
N THR C 55 -62.52 -37.91 0.11
CA THR C 55 -61.10 -37.93 0.07
C THR C 55 -60.88 -39.41 -0.20
N GLU C 56 -59.66 -39.79 -0.46
CA GLU C 56 -59.44 -41.19 -0.69
C GLU C 56 -59.60 -41.98 0.59
N ARG C 57 -58.83 -41.62 1.63
CA ARG C 57 -58.90 -42.39 2.85
C ARG C 57 -60.30 -42.56 3.42
N ALA C 58 -61.11 -41.51 3.30
CA ALA C 58 -62.49 -41.54 3.79
C ALA C 58 -63.19 -42.81 3.33
N LYS C 59 -62.99 -43.14 2.07
CA LYS C 59 -63.59 -44.32 1.46
C LYS C 59 -63.15 -45.56 2.21
N HIS C 60 -62.38 -45.37 3.26
CA HIS C 60 -61.94 -46.51 4.03
C HIS C 60 -62.98 -46.86 5.08
N PHE C 61 -63.99 -46.01 5.21
CA PHE C 61 -65.04 -46.22 6.20
C PHE C 61 -66.43 -46.50 5.67
N TYR C 62 -66.59 -46.50 4.36
CA TYR C 62 -67.92 -46.80 3.80
C TYR C 62 -67.75 -47.34 2.40
N SER C 63 -68.81 -47.91 1.83
CA SER C 63 -68.72 -48.43 0.48
C SER C 63 -69.63 -47.54 -0.35
N PRO C 64 -69.16 -47.16 -1.56
CA PRO C 64 -69.90 -46.29 -2.48
C PRO C 64 -71.37 -46.66 -2.63
N GLN C 65 -71.63 -47.95 -2.86
CA GLN C 65 -72.99 -48.47 -3.07
C GLN C 65 -73.93 -48.12 -1.93
N ASP C 66 -73.42 -48.12 -0.70
CA ASP C 66 -74.22 -47.80 0.47
C ASP C 66 -74.64 -46.30 0.54
N ILE C 67 -74.32 -45.55 -0.52
CA ILE C 67 -74.66 -44.12 -0.62
C ILE C 67 -75.39 -43.92 -1.96
N PRO C 68 -76.72 -43.84 -1.93
CA PRO C 68 -77.54 -43.67 -3.13
C PRO C 68 -77.44 -42.32 -3.79
N VAL C 69 -76.23 -41.82 -4.01
CA VAL C 69 -76.07 -40.52 -4.66
C VAL C 69 -74.79 -40.45 -5.53
N THR C 70 -74.65 -39.39 -6.29
CA THR C 70 -73.45 -39.23 -7.12
C THR C 70 -72.27 -38.94 -6.20
N LEU C 71 -71.23 -39.76 -6.32
CA LEU C 71 -70.03 -39.58 -5.49
C LEU C 71 -68.87 -39.05 -6.32
N TYR C 72 -68.42 -37.84 -6.02
CA TYR C 72 -67.30 -37.28 -6.75
C TYR C 72 -66.01 -37.53 -6.00
N SER C 73 -65.00 -38.02 -6.72
CA SER C 73 -63.68 -38.32 -6.16
C SER C 73 -62.58 -37.61 -6.94
N ASP C 74 -61.40 -37.50 -6.34
CA ASP C 74 -60.26 -36.82 -6.97
C ASP C 74 -60.15 -37.17 -8.43
N ALA C 75 -59.91 -38.44 -8.69
CA ALA C 75 -59.73 -38.92 -10.04
C ALA C 75 -60.81 -38.47 -10.99
N ASP C 76 -62.02 -38.26 -10.46
CA ASP C 76 -63.14 -37.83 -11.28
C ASP C 76 -62.82 -36.48 -11.93
N GLU C 77 -62.21 -35.58 -11.18
CA GLU C 77 -61.92 -34.31 -11.77
C GLU C 77 -61.04 -34.43 -12.99
N TRP C 78 -59.85 -34.99 -12.83
CA TRP C 78 -58.92 -35.09 -13.93
C TRP C 78 -59.33 -35.91 -15.12
N GLU C 79 -60.11 -36.96 -14.92
CA GLU C 79 -60.50 -37.79 -16.07
C GLU C 79 -61.37 -37.03 -17.07
N MET C 80 -62.10 -36.02 -16.58
CA MET C 80 -62.93 -35.24 -17.47
C MET C 80 -62.28 -34.00 -18.08
N TRP C 81 -61.03 -33.74 -17.73
CA TRP C 81 -60.38 -32.58 -18.28
C TRP C 81 -59.22 -32.90 -19.22
N LYS C 82 -59.30 -32.42 -20.45
CA LYS C 82 -58.21 -32.67 -21.37
C LYS C 82 -57.86 -31.38 -22.15
N SER C 83 -58.75 -30.39 -22.10
CA SER C 83 -58.54 -29.11 -22.80
C SER C 83 -59.13 -27.95 -22.03
N ARG C 84 -58.62 -26.75 -22.27
CA ARG C 84 -59.11 -25.54 -21.59
C ARG C 84 -60.61 -25.38 -21.75
N SER C 85 -61.16 -26.03 -22.78
CA SER C 85 -62.59 -25.98 -23.06
C SER C 85 -63.29 -26.85 -22.04
N ASP C 86 -62.68 -28.01 -21.76
CA ASP C 86 -63.20 -28.97 -20.81
C ASP C 86 -63.51 -28.35 -19.45
N PRO C 87 -64.46 -28.95 -18.72
CA PRO C 87 -64.93 -28.55 -17.38
C PRO C 87 -63.94 -28.76 -16.22
N VAL C 88 -64.16 -28.03 -15.12
CA VAL C 88 -63.30 -28.09 -13.94
C VAL C 88 -64.06 -28.54 -12.70
N LEU C 89 -64.36 -29.84 -12.64
CA LEU C 89 -65.14 -30.43 -11.57
C LEU C 89 -65.15 -29.65 -10.29
N HIS C 90 -64.00 -29.48 -9.66
CA HIS C 90 -64.03 -28.74 -8.40
C HIS C 90 -64.69 -27.38 -8.56
N ILE C 91 -64.51 -26.75 -9.73
CA ILE C 91 -65.15 -25.45 -10.01
C ILE C 91 -66.64 -25.72 -10.21
N ASP C 92 -66.95 -26.60 -11.16
CA ASP C 92 -68.34 -26.96 -11.47
C ASP C 92 -69.16 -27.26 -10.22
N LEU C 93 -68.55 -27.94 -9.26
CA LEU C 93 -69.21 -28.30 -8.01
C LEU C 93 -69.38 -27.11 -7.09
N ARG C 94 -68.47 -26.16 -7.17
CA ARG C 94 -68.58 -24.98 -6.32
C ARG C 94 -69.73 -24.09 -6.73
N ARG C 95 -69.95 -23.95 -8.04
CA ARG C 95 -71.02 -23.10 -8.55
C ARG C 95 -72.39 -23.78 -8.50
N TRP C 96 -72.41 -25.07 -8.15
CA TRP C 96 -73.63 -25.85 -8.08
C TRP C 96 -74.23 -26.03 -6.69
N ALA C 97 -73.39 -26.04 -5.67
CA ALA C 97 -73.87 -26.24 -4.33
C ALA C 97 -74.43 -24.95 -3.78
N ASP C 98 -75.52 -25.08 -3.01
CA ASP C 98 -76.15 -23.95 -2.35
C ASP C 98 -75.58 -23.96 -0.95
N LEU C 99 -75.35 -25.17 -0.44
CA LEU C 99 -74.78 -25.40 0.89
C LEU C 99 -73.74 -26.53 0.77
N LEU C 100 -72.61 -26.37 1.47
CA LEU C 100 -71.54 -27.37 1.46
C LEU C 100 -71.28 -27.92 2.88
N LEU C 101 -71.84 -29.09 3.17
CA LEU C 101 -71.66 -29.72 4.48
C LEU C 101 -70.51 -30.69 4.46
N VAL C 102 -69.62 -30.57 5.44
CA VAL C 102 -68.47 -31.45 5.50
C VAL C 102 -68.52 -32.33 6.74
N ALA C 103 -69.16 -33.48 6.62
CA ALA C 103 -69.30 -34.36 7.75
C ALA C 103 -68.71 -35.76 7.55
N PRO C 104 -67.58 -36.06 8.22
CA PRO C 104 -66.71 -35.31 9.16
C PRO C 104 -65.52 -34.56 8.57
N LEU C 105 -65.00 -33.62 9.34
CA LEU C 105 -63.84 -32.84 8.91
C LEU C 105 -62.74 -33.36 9.82
N ASP C 106 -61.73 -34.04 9.26
CA ASP C 106 -60.71 -34.60 10.13
C ASP C 106 -59.65 -33.61 10.50
N ALA C 107 -58.84 -34.00 11.47
CA ALA C 107 -57.80 -33.12 11.95
C ALA C 107 -56.86 -32.75 10.84
N ASN C 108 -56.79 -33.60 9.82
CA ASN C 108 -55.87 -33.41 8.73
C ASN C 108 -56.39 -32.35 7.76
N THR C 109 -57.62 -32.52 7.30
CA THR C 109 -58.20 -31.62 6.33
C THR C 109 -58.42 -30.25 6.92
N LEU C 110 -58.51 -30.20 8.25
CA LEU C 110 -58.69 -28.96 8.99
C LEU C 110 -57.42 -28.13 8.80
N GLY C 111 -56.28 -28.80 8.98
CA GLY C 111 -54.99 -28.15 8.81
C GLY C 111 -54.71 -27.83 7.36
N LYS C 112 -55.35 -28.55 6.45
CA LYS C 112 -55.15 -28.28 5.02
C LYS C 112 -55.88 -27.01 4.65
N VAL C 113 -57.13 -26.97 5.09
CA VAL C 113 -58.04 -25.84 4.87
C VAL C 113 -57.50 -24.61 5.59
N ALA C 114 -57.04 -24.83 6.81
CA ALA C 114 -56.49 -23.77 7.64
C ALA C 114 -55.34 -23.12 6.91
N SER C 115 -54.57 -23.94 6.19
CA SER C 115 -53.41 -23.43 5.46
C SER C 115 -53.58 -23.24 3.96
N GLY C 116 -54.83 -23.19 3.49
CA GLY C 116 -55.12 -22.98 2.07
C GLY C 116 -54.33 -23.96 1.22
N ILE C 117 -54.55 -25.24 1.50
CA ILE C 117 -53.86 -26.31 0.84
C ILE C 117 -54.85 -27.14 0.01
N CYS C 118 -54.90 -26.95 -1.30
CA CYS C 118 -55.85 -27.72 -2.10
C CYS C 118 -55.14 -28.88 -2.84
N ASP C 119 -54.95 -30.01 -2.15
CA ASP C 119 -54.24 -31.11 -2.79
C ASP C 119 -55.12 -32.27 -3.18
N ASN C 120 -56.43 -32.06 -3.06
CA ASN C 120 -57.41 -33.06 -3.42
C ASN C 120 -58.76 -32.39 -3.73
N LEU C 121 -59.60 -33.05 -4.51
CA LEU C 121 -60.87 -32.52 -4.92
C LEU C 121 -61.69 -31.85 -3.82
N LEU C 122 -61.65 -32.40 -2.61
CA LEU C 122 -62.39 -31.78 -1.52
C LEU C 122 -61.75 -30.43 -1.23
N THR C 123 -60.62 -30.44 -0.55
CA THR C 123 -59.98 -29.20 -0.21
C THR C 123 -59.95 -28.17 -1.34
N CYS C 124 -60.06 -28.59 -2.58
CA CYS C 124 -60.07 -27.60 -3.64
C CYS C 124 -61.46 -26.97 -3.74
N VAL C 125 -62.50 -27.78 -3.67
CA VAL C 125 -63.84 -27.23 -3.71
C VAL C 125 -63.96 -26.16 -2.61
N MET C 126 -63.46 -26.47 -1.41
CA MET C 126 -63.52 -25.54 -0.29
C MET C 126 -62.77 -24.25 -0.56
N ARG C 127 -61.50 -24.37 -0.92
CA ARG C 127 -60.68 -23.20 -1.19
C ARG C 127 -61.18 -22.36 -2.37
N ALA C 128 -62.16 -22.85 -3.11
CA ALA C 128 -62.67 -22.07 -4.23
C ALA C 128 -64.09 -21.66 -3.90
N TRP C 129 -64.53 -22.09 -2.73
CA TRP C 129 -65.88 -21.83 -2.25
C TRP C 129 -66.35 -20.40 -2.47
N ASP C 130 -67.66 -20.23 -2.37
CA ASP C 130 -68.29 -18.93 -2.52
C ASP C 130 -68.73 -18.51 -1.14
N ARG C 131 -68.20 -17.39 -0.64
CA ARG C 131 -68.59 -16.95 0.69
C ARG C 131 -70.11 -16.76 0.73
N SER C 132 -70.67 -16.22 -0.36
CA SER C 132 -72.11 -15.96 -0.50
C SER C 132 -73.00 -17.15 -0.11
N LYS C 133 -72.41 -18.34 -0.14
CA LYS C 133 -73.11 -19.56 0.21
C LYS C 133 -72.52 -20.03 1.54
N PRO C 134 -73.26 -20.89 2.27
CA PRO C 134 -72.83 -21.42 3.57
C PRO C 134 -72.03 -22.72 3.52
N LEU C 135 -71.07 -22.81 4.43
CA LEU C 135 -70.18 -23.95 4.54
C LEU C 135 -70.19 -24.39 5.99
N LEU C 136 -71.14 -25.22 6.38
CA LEU C 136 -71.21 -25.69 7.77
C LEU C 136 -70.44 -27.01 7.97
N PHE C 137 -69.41 -26.98 8.81
CA PHE C 137 -68.57 -28.15 9.05
C PHE C 137 -68.69 -28.69 10.46
N CYS C 138 -68.17 -29.89 10.67
CA CYS C 138 -68.24 -30.53 11.97
C CYS C 138 -67.01 -31.38 12.32
N PRO C 139 -65.95 -30.77 12.85
CA PRO C 139 -64.73 -31.51 13.22
C PRO C 139 -65.11 -32.81 13.88
N ALA C 140 -64.34 -33.86 13.64
CA ALA C 140 -64.65 -35.16 14.23
C ALA C 140 -63.43 -36.05 14.39
N MET C 141 -62.53 -35.66 15.27
CA MET C 141 -61.35 -36.46 15.49
C MET C 141 -61.50 -37.36 16.70
N ASN C 142 -60.48 -37.39 17.54
CA ASN C 142 -60.46 -38.21 18.74
C ASN C 142 -60.01 -37.34 19.90
N THR C 143 -60.46 -37.68 21.10
CA THR C 143 -60.11 -36.94 22.31
C THR C 143 -58.68 -36.40 22.25
N ALA C 144 -57.73 -37.29 22.00
CA ALA C 144 -56.33 -36.91 21.91
C ALA C 144 -56.11 -35.80 20.89
N MET C 145 -56.22 -36.15 19.61
CA MET C 145 -56.01 -35.19 18.52
C MET C 145 -56.74 -33.89 18.78
N TRP C 146 -57.90 -33.99 19.41
CA TRP C 146 -58.70 -32.81 19.71
C TRP C 146 -58.16 -32.11 20.96
N GLU C 147 -57.77 -32.88 21.97
CA GLU C 147 -57.23 -32.33 23.21
C GLU C 147 -55.85 -31.68 23.03
N HIS C 148 -55.52 -31.35 21.79
CA HIS C 148 -54.25 -30.72 21.41
C HIS C 148 -54.53 -29.25 21.07
N PRO C 149 -53.50 -28.42 21.07
CA PRO C 149 -53.64 -27.00 20.76
C PRO C 149 -54.19 -26.66 19.38
N ILE C 150 -53.28 -26.47 18.43
CA ILE C 150 -53.63 -26.10 17.05
C ILE C 150 -55.10 -26.23 16.72
N THR C 151 -55.67 -27.39 17.02
CA THR C 151 -57.07 -27.66 16.73
C THR C 151 -57.92 -26.44 17.04
N ALA C 152 -57.59 -25.80 18.17
CA ALA C 152 -58.33 -24.62 18.61
C ALA C 152 -57.90 -23.42 17.77
N GLN C 153 -56.61 -23.11 17.81
CA GLN C 153 -56.04 -21.99 17.05
C GLN C 153 -56.38 -22.11 15.57
N GLN C 154 -56.92 -23.26 15.19
CA GLN C 154 -57.25 -23.57 13.80
C GLN C 154 -58.75 -23.57 13.54
N VAL C 155 -59.51 -24.21 14.43
CA VAL C 155 -60.95 -24.24 14.28
C VAL C 155 -61.51 -22.82 14.25
N ASP C 156 -60.98 -21.96 15.11
CA ASP C 156 -61.43 -20.58 15.11
C ASP C 156 -60.75 -19.86 13.99
N GLN C 157 -59.50 -20.23 13.71
CA GLN C 157 -58.76 -19.63 12.59
C GLN C 157 -59.62 -19.92 11.37
N LEU C 158 -60.34 -21.02 11.44
CA LEU C 158 -61.23 -21.42 10.35
C LEU C 158 -62.51 -20.62 10.41
N LYS C 159 -62.84 -20.19 11.62
CA LYS C 159 -64.04 -19.39 11.86
C LYS C 159 -63.81 -18.04 11.21
N ALA C 160 -62.56 -17.59 11.18
CA ALA C 160 -62.24 -16.34 10.54
C ALA C 160 -62.97 -16.24 9.18
N PHE C 161 -63.16 -17.38 8.53
CA PHE C 161 -63.86 -17.38 7.26
C PHE C 161 -65.29 -17.79 7.54
N GLY C 162 -65.61 -17.94 8.82
CA GLY C 162 -66.94 -18.30 9.23
C GLY C 162 -67.48 -19.47 8.46
N TYR C 163 -67.08 -20.68 8.87
CA TYR C 163 -67.55 -21.87 8.20
C TYR C 163 -68.53 -22.64 9.09
N VAL C 164 -69.17 -21.95 10.03
CA VAL C 164 -70.15 -22.56 10.91
C VAL C 164 -69.80 -23.95 11.45
N GLU C 165 -69.08 -24.00 12.58
CA GLU C 165 -68.69 -25.26 13.21
C GLU C 165 -69.92 -26.03 13.68
N ILE C 166 -69.72 -27.18 14.33
CA ILE C 166 -70.82 -28.03 14.82
C ILE C 166 -70.30 -29.00 15.90
N PRO C 167 -69.20 -28.61 16.55
CA PRO C 167 -68.58 -29.44 17.59
C PRO C 167 -69.59 -30.26 18.40
N VAL C 186 -75.31 -39.08 14.30
CA VAL C 186 -75.64 -37.99 13.39
C VAL C 186 -76.47 -36.95 14.15
N GLY C 187 -77.67 -36.69 13.64
CA GLY C 187 -78.60 -35.75 14.26
C GLY C 187 -78.25 -34.27 14.16
N THR C 188 -77.81 -33.69 15.28
CA THR C 188 -77.46 -32.28 15.38
C THR C 188 -77.17 -31.69 14.00
N ILE C 189 -76.19 -32.27 13.33
CA ILE C 189 -75.80 -31.82 11.99
C ILE C 189 -77.06 -31.74 11.13
N VAL C 190 -77.70 -32.90 10.95
CA VAL C 190 -78.89 -32.99 10.13
C VAL C 190 -79.80 -31.77 10.27
N ASP C 191 -80.42 -31.62 11.44
CA ASP C 191 -81.29 -30.48 11.66
C ASP C 191 -80.58 -29.23 11.16
N LYS C 192 -79.44 -28.93 11.77
CA LYS C 192 -78.65 -27.77 11.43
C LYS C 192 -78.53 -27.50 9.94
N VAL C 193 -78.59 -28.54 9.11
CA VAL C 193 -78.48 -28.30 7.68
C VAL C 193 -79.50 -27.23 7.34
N LYS C 194 -80.77 -27.59 7.50
CA LYS C 194 -81.86 -26.67 7.21
C LYS C 194 -81.67 -25.25 7.75
N GLU C 195 -82.29 -24.97 8.90
CA GLU C 195 -82.26 -23.66 9.53
C GLU C 195 -82.75 -22.58 8.50
N VAL C 196 -82.55 -21.29 8.79
CA VAL C 196 -83.01 -20.19 7.89
C VAL C 196 -83.35 -20.62 6.46
N ARG D 18 -18.42 14.09 -5.64
CA ARG D 18 -17.48 13.15 -6.24
C ARG D 18 -17.11 12.07 -5.24
N LYS D 19 -16.35 11.08 -5.71
CA LYS D 19 -15.92 9.99 -4.85
C LYS D 19 -14.55 10.38 -4.35
N PHE D 20 -14.35 10.38 -3.03
CA PHE D 20 -13.07 10.75 -2.47
C PHE D 20 -12.02 9.71 -2.87
N HIS D 21 -10.90 10.21 -3.39
CA HIS D 21 -9.78 9.38 -3.83
C HIS D 21 -8.67 9.41 -2.75
N VAL D 22 -8.65 8.35 -1.95
CA VAL D 22 -7.70 8.18 -0.84
C VAL D 22 -6.58 7.17 -1.15
N LEU D 23 -5.43 7.42 -0.52
CA LEU D 23 -4.25 6.63 -0.75
C LEU D 23 -3.65 6.14 0.55
N VAL D 24 -3.66 4.82 0.73
CA VAL D 24 -3.08 4.24 1.93
C VAL D 24 -1.65 3.74 1.68
N GLY D 25 -0.70 4.30 2.43
CA GLY D 25 0.69 3.90 2.32
C GLY D 25 0.99 2.87 3.39
N VAL D 26 1.75 1.82 3.07
CA VAL D 26 2.05 0.80 4.07
C VAL D 26 3.55 0.55 4.15
N THR D 27 4.07 0.43 5.36
CA THR D 27 5.50 0.20 5.57
C THR D 27 5.77 -1.12 6.30
N GLY D 28 7.04 -1.38 6.60
CA GLY D 28 7.43 -2.62 7.25
C GLY D 28 7.20 -2.85 8.73
N SER D 29 6.01 -2.53 9.24
CA SER D 29 5.70 -2.74 10.64
C SER D 29 4.72 -3.89 10.78
N VAL D 30 4.85 -4.69 11.83
CA VAL D 30 3.93 -5.81 12.03
C VAL D 30 2.49 -5.35 11.94
N ALA D 31 2.25 -4.05 12.12
CA ALA D 31 0.91 -3.48 12.03
C ALA D 31 0.22 -3.74 10.68
N ALA D 32 1.00 -3.75 9.60
CA ALA D 32 0.45 -3.98 8.26
C ALA D 32 -0.27 -5.32 8.26
N LEU D 33 0.04 -6.13 9.27
CA LEU D 33 -0.60 -7.41 9.42
C LEU D 33 -2.09 -7.13 9.35
N LYS D 34 -2.51 -6.07 10.04
CA LYS D 34 -3.92 -5.68 10.08
C LYS D 34 -4.38 -4.81 8.91
N LEU D 35 -3.45 -4.46 8.02
CA LEU D 35 -3.71 -3.64 6.82
C LEU D 35 -4.99 -3.99 6.03
N PRO D 36 -5.29 -5.29 5.90
CA PRO D 36 -6.49 -5.67 5.15
C PRO D 36 -7.72 -5.00 5.78
N LEU D 37 -7.86 -5.13 7.11
CA LEU D 37 -8.98 -4.55 7.87
C LEU D 37 -9.25 -3.13 7.46
N LEU D 38 -8.21 -2.32 7.51
CA LEU D 38 -8.29 -0.93 7.15
C LEU D 38 -8.92 -0.75 5.78
N VAL D 39 -8.39 -1.47 4.81
CA VAL D 39 -8.87 -1.39 3.43
C VAL D 39 -10.34 -1.73 3.25
N SER D 40 -10.74 -2.89 3.77
CA SER D 40 -12.13 -3.36 3.68
C SER D 40 -13.12 -2.41 4.32
N LYS D 41 -12.65 -1.73 5.38
CA LYS D 41 -13.46 -0.76 6.09
C LYS D 41 -13.43 0.52 5.25
N LEU D 42 -12.29 1.19 5.23
CA LEU D 42 -12.12 2.41 4.46
C LEU D 42 -12.78 2.30 3.08
N LEU D 43 -12.92 1.08 2.55
CA LEU D 43 -13.57 0.91 1.24
C LEU D 43 -15.08 0.75 1.42
N GLY D 47 -18.21 5.29 1.28
CA GLY D 47 -18.29 6.36 0.31
C GLY D 47 -16.92 6.91 -0.06
N LEU D 48 -16.00 6.01 -0.44
CA LEU D 48 -14.63 6.35 -0.81
C LEU D 48 -14.14 5.45 -1.95
N GLU D 49 -12.95 5.75 -2.46
CA GLU D 49 -12.33 4.93 -3.50
C GLU D 49 -10.85 4.97 -3.10
N VAL D 50 -10.29 3.80 -2.77
CA VAL D 50 -8.90 3.75 -2.32
C VAL D 50 -7.89 3.00 -3.18
N ALA D 51 -6.64 3.11 -2.76
CA ALA D 51 -5.49 2.47 -3.41
C ALA D 51 -4.35 2.45 -2.40
N VAL D 52 -3.62 1.35 -2.36
CA VAL D 52 -2.49 1.26 -1.46
C VAL D 52 -1.14 1.28 -2.19
N VAL D 53 -0.18 1.96 -1.58
CA VAL D 53 1.18 2.07 -2.06
C VAL D 53 2.08 1.50 -0.95
N THR D 54 2.84 0.45 -1.25
CA THR D 54 3.70 -0.11 -0.20
C THR D 54 5.17 0.03 -0.38
N THR D 55 5.83 -0.41 0.66
CA THR D 55 7.26 -0.45 0.65
C THR D 55 7.46 -1.93 0.39
N GLU D 56 8.69 -2.33 0.17
CA GLU D 56 8.90 -3.73 -0.06
C GLU D 56 8.68 -4.52 1.21
N ARG D 57 9.44 -4.20 2.26
CA ARG D 57 9.34 -4.97 3.48
C ARG D 57 7.93 -5.11 4.02
N ALA D 58 7.13 -4.07 3.88
CA ALA D 58 5.74 -4.10 4.32
C ALA D 58 5.05 -5.35 3.84
N LYS D 59 5.26 -5.65 2.57
CA LYS D 59 4.65 -6.81 1.94
C LYS D 59 5.04 -8.06 2.69
N HIS D 60 5.80 -7.88 3.77
CA HIS D 60 6.19 -9.04 4.53
C HIS D 60 5.11 -9.37 5.56
N PHE D 61 4.11 -8.51 5.67
CA PHE D 61 3.04 -8.70 6.64
C PHE D 61 1.65 -8.97 6.09
N TYR D 62 1.50 -8.93 4.78
CA TYR D 62 0.21 -9.22 4.17
C TYR D 62 0.42 -9.78 2.78
N SER D 63 -0.64 -10.29 2.17
CA SER D 63 -0.52 -10.83 0.83
C SER D 63 -1.38 -9.93 -0.04
N PRO D 64 -0.88 -9.56 -1.22
CA PRO D 64 -1.60 -8.69 -2.14
C PRO D 64 -3.05 -9.03 -2.32
N GLN D 65 -3.34 -10.30 -2.56
CA GLN D 65 -4.71 -10.78 -2.80
C GLN D 65 -5.67 -10.41 -1.69
N ASP D 66 -5.19 -10.42 -0.45
CA ASP D 66 -6.00 -10.08 0.70
C ASP D 66 -6.41 -8.58 0.78
N ILE D 67 -6.07 -7.83 -0.28
CA ILE D 67 -6.39 -6.40 -0.39
C ILE D 67 -7.05 -6.20 -1.74
N PRO D 68 -8.40 -6.11 -1.76
CA PRO D 68 -9.18 -5.92 -2.98
C PRO D 68 -9.04 -4.57 -3.67
N VAL D 69 -7.81 -4.08 -3.84
CA VAL D 69 -7.63 -2.80 -4.48
C VAL D 69 -6.33 -2.73 -5.29
N THR D 70 -6.15 -1.65 -6.06
CA THR D 70 -4.94 -1.50 -6.84
C THR D 70 -3.76 -1.25 -5.89
N LEU D 71 -2.74 -2.08 -5.99
CA LEU D 71 -1.57 -1.93 -5.15
C LEU D 71 -0.37 -1.43 -5.97
N TYR D 72 0.11 -0.24 -5.64
CA TYR D 72 1.27 0.31 -6.33
C TYR D 72 2.53 0.04 -5.53
N SER D 73 3.54 -0.47 -6.23
CA SER D 73 4.84 -0.81 -5.64
C SER D 73 5.98 -0.10 -6.38
N ASP D 74 7.14 -0.02 -5.74
CA ASP D 74 8.29 0.64 -6.36
C ASP D 74 8.44 0.28 -7.81
N ALA D 75 8.63 -1.00 -8.06
CA ALA D 75 8.83 -1.47 -9.41
C ALA D 75 7.81 -0.97 -10.40
N ASP D 76 6.59 -0.76 -9.92
CA ASP D 76 5.50 -0.27 -10.76
C ASP D 76 5.84 1.07 -11.40
N GLU D 77 6.48 1.94 -10.65
CA GLU D 77 6.80 3.22 -11.22
C GLU D 77 7.70 3.08 -12.41
N TRP D 78 8.89 2.53 -12.21
CA TRP D 78 9.85 2.41 -13.31
C TRP D 78 9.42 1.57 -14.51
N GLU D 79 8.64 0.52 -14.31
CA GLU D 79 8.25 -0.27 -15.45
C GLU D 79 7.42 0.52 -16.46
N MET D 80 6.74 1.57 -16.00
CA MET D 80 5.91 2.34 -16.92
C MET D 80 6.59 3.56 -17.51
N TRP D 81 7.84 3.79 -17.14
CA TRP D 81 8.52 4.94 -17.67
C TRP D 81 9.71 4.61 -18.55
N LYS D 82 9.69 5.08 -19.79
CA LYS D 82 10.80 4.82 -20.68
C LYS D 82 11.18 6.10 -21.44
N SER D 83 10.31 7.11 -21.42
CA SER D 83 10.57 8.39 -22.11
C SER D 83 9.96 9.57 -21.35
N ARG D 84 10.49 10.77 -21.59
CA ARG D 84 10.00 11.97 -20.93
C ARG D 84 8.48 12.16 -21.11
N SER D 85 7.94 11.54 -22.15
CA SER D 85 6.52 11.62 -22.45
C SER D 85 5.77 10.73 -21.47
N ASP D 86 6.38 9.58 -21.18
CA ASP D 86 5.81 8.61 -20.25
C ASP D 86 5.49 9.23 -18.89
N PRO D 87 4.53 8.64 -18.18
CA PRO D 87 4.03 9.04 -16.85
C PRO D 87 4.99 8.82 -15.67
N VAL D 88 4.75 9.55 -14.58
CA VAL D 88 5.58 9.47 -13.37
C VAL D 88 4.77 9.02 -12.15
N LEU D 89 4.46 7.73 -12.11
CA LEU D 89 3.64 7.15 -11.06
C LEU D 89 3.60 7.94 -9.78
N HIS D 90 4.74 8.08 -9.10
CA HIS D 90 4.71 8.81 -7.85
C HIS D 90 4.09 10.18 -8.00
N ILE D 91 4.30 10.81 -9.15
CA ILE D 91 3.68 12.12 -9.41
C ILE D 91 2.19 11.91 -9.75
N ASP D 92 1.89 10.97 -10.65
CA ASP D 92 0.51 10.67 -11.03
C ASP D 92 -0.35 10.41 -9.80
N LEU D 93 0.21 9.68 -8.83
CA LEU D 93 -0.49 9.35 -7.60
C LEU D 93 -0.64 10.57 -6.70
N ARG D 94 0.31 11.52 -6.81
CA ARG D 94 0.32 12.74 -5.99
C ARG D 94 -0.73 13.75 -6.40
N ARG D 95 -1.17 13.67 -7.64
CA ARG D 95 -2.18 14.56 -8.15
C ARG D 95 -3.56 13.90 -8.13
N TRP D 96 -3.62 12.61 -7.78
CA TRP D 96 -4.87 11.86 -7.75
C TRP D 96 -5.50 11.70 -6.37
N ALA D 97 -4.68 11.67 -5.34
CA ALA D 97 -5.21 11.49 -4.01
C ALA D 97 -5.76 12.78 -3.46
N ASP D 98 -6.86 12.64 -2.72
CA ASP D 98 -7.49 13.78 -2.08
C ASP D 98 -6.94 13.76 -0.67
N LEU D 99 -6.76 12.54 -0.16
CA LEU D 99 -6.22 12.28 1.18
C LEU D 99 -5.19 11.15 1.09
N LEU D 100 -4.09 11.28 1.82
CA LEU D 100 -3.03 10.27 1.83
C LEU D 100 -2.82 9.72 3.24
N LEU D 101 -3.41 8.56 3.48
CA LEU D 101 -3.31 7.88 4.76
C LEU D 101 -2.13 6.89 4.76
N VAL D 102 -1.28 6.96 5.78
CA VAL D 102 -0.13 6.09 5.89
C VAL D 102 -0.22 5.20 7.13
N ALA D 103 -0.89 4.07 6.99
CA ALA D 103 -1.06 3.20 8.15
C ALA D 103 -0.48 1.82 7.94
N PRO D 104 0.64 1.48 8.64
CA PRO D 104 1.49 2.20 9.61
C PRO D 104 2.72 2.91 9.05
N LEU D 105 3.23 3.87 9.81
CA LEU D 105 4.42 4.62 9.42
C LEU D 105 5.47 4.08 10.37
N ASP D 106 6.46 3.39 9.84
CA ASP D 106 7.48 2.83 10.71
C ASP D 106 8.56 3.80 11.11
N ALA D 107 9.34 3.37 12.10
CA ALA D 107 10.41 4.23 12.62
C ALA D 107 11.38 4.59 11.54
N ASN D 108 11.42 3.76 10.51
CA ASN D 108 12.37 3.93 9.44
C ASN D 108 11.89 5.03 8.46
N THR D 109 10.69 4.86 7.93
CA THR D 109 10.14 5.79 6.96
C THR D 109 9.95 7.15 7.57
N LEU D 110 9.78 7.19 8.90
CA LEU D 110 9.61 8.45 9.64
C LEU D 110 10.89 9.25 9.49
N GLY D 111 12.02 8.58 9.70
CA GLY D 111 13.32 9.21 9.56
C GLY D 111 13.66 9.51 8.13
N LYS D 112 13.04 8.80 7.19
CA LYS D 112 13.30 9.06 5.78
C LYS D 112 12.59 10.35 5.39
N VAL D 113 11.32 10.41 5.80
CA VAL D 113 10.44 11.56 5.55
C VAL D 113 10.98 12.77 6.29
N ALA D 114 11.38 12.54 7.54
CA ALA D 114 11.93 13.57 8.39
C ALA D 114 13.08 14.22 7.67
N SER D 115 13.88 13.40 6.97
CA SER D 115 15.07 13.88 6.26
C SER D 115 14.92 14.08 4.76
N GLY D 116 13.67 14.17 4.28
CA GLY D 116 13.43 14.35 2.85
C GLY D 116 14.23 13.37 2.02
N ILE D 117 13.99 12.10 2.29
CA ILE D 117 14.69 11.02 1.64
C ILE D 117 13.70 10.24 0.80
N CYS D 118 13.72 10.41 -0.52
CA CYS D 118 12.78 9.65 -1.35
C CYS D 118 13.48 8.50 -2.07
N ASP D 119 13.65 7.36 -1.38
CA ASP D 119 14.34 6.23 -2.02
C ASP D 119 13.44 5.10 -2.44
N ASN D 120 12.12 5.33 -2.34
CA ASN D 120 11.11 4.35 -2.72
C ASN D 120 9.80 5.05 -3.06
N LEU D 121 8.95 4.38 -3.85
CA LEU D 121 7.70 4.96 -4.30
C LEU D 121 6.88 5.65 -3.22
N LEU D 122 6.88 5.10 -2.01
CA LEU D 122 6.12 5.73 -0.93
C LEU D 122 6.78 7.04 -0.63
N THR D 123 7.87 7.00 0.08
CA THR D 123 8.53 8.24 0.42
C THR D 123 8.60 9.28 -0.72
N CYS D 124 8.52 8.86 -1.96
CA CYS D 124 8.56 9.85 -3.01
C CYS D 124 7.19 10.53 -3.14
N VAL D 125 6.14 9.72 -3.09
CA VAL D 125 4.81 10.30 -3.16
C VAL D 125 4.68 11.38 -2.06
N MET D 126 5.13 11.05 -0.85
CA MET D 126 5.06 11.99 0.29
C MET D 126 5.85 13.26 0.02
N ARG D 127 7.12 13.12 -0.31
CA ARG D 127 7.98 14.27 -0.57
C ARG D 127 7.53 15.11 -1.75
N ALA D 128 6.54 14.65 -2.49
CA ALA D 128 6.07 15.43 -3.63
C ALA D 128 4.63 15.87 -3.33
N TRP D 129 4.16 15.46 -2.16
CA TRP D 129 2.81 15.74 -1.72
C TRP D 129 2.38 17.19 -1.90
N ASP D 130 1.10 17.45 -1.62
CA ASP D 130 0.51 18.79 -1.72
C ASP D 130 -0.04 19.23 -0.37
N ARG D 131 0.52 20.28 0.22
CA ARG D 131 0.01 20.73 1.50
C ARG D 131 -1.47 21.12 1.35
N SER D 132 -1.92 21.35 0.12
CA SER D 132 -3.33 21.70 -0.11
C SER D 132 -4.25 20.53 0.25
N LYS D 133 -3.67 19.32 0.23
CA LYS D 133 -4.42 18.12 0.57
C LYS D 133 -3.88 17.61 1.91
N PRO D 134 -4.64 16.79 2.64
CA PRO D 134 -4.26 16.24 3.94
C PRO D 134 -3.47 14.95 3.90
N LEU D 135 -2.53 14.82 4.83
CA LEU D 135 -1.65 13.66 4.95
C LEU D 135 -1.69 13.20 6.40
N LEU D 136 -2.62 12.31 6.73
CA LEU D 136 -2.74 11.83 8.11
C LEU D 136 -1.98 10.55 8.30
N PHE D 137 -1.03 10.56 9.22
CA PHE D 137 -0.23 9.39 9.48
C PHE D 137 -0.38 8.86 10.89
N CYS D 138 0.09 7.64 11.13
CA CYS D 138 -0.02 7.06 12.45
C CYS D 138 1.17 6.17 12.80
N PRO D 139 2.26 6.74 13.36
CA PRO D 139 3.45 5.98 13.72
C PRO D 139 3.02 4.69 14.39
N ALA D 140 3.76 3.61 14.14
CA ALA D 140 3.42 2.31 14.73
C ALA D 140 4.63 1.41 14.92
N MET D 141 5.50 1.77 15.84
CA MET D 141 6.67 0.96 16.07
C MET D 141 6.48 0.06 17.28
N ASN D 142 7.49 0.01 18.13
CA ASN D 142 7.46 -0.82 19.31
C ASN D 142 7.90 0.04 20.48
N THR D 143 7.40 -0.30 21.66
CA THR D 143 7.74 0.44 22.86
C THR D 143 9.18 0.94 22.81
N ALA D 144 10.11 0.02 22.65
CA ALA D 144 11.52 0.38 22.59
C ALA D 144 11.78 1.49 21.58
N MET D 145 11.72 1.16 20.29
CA MET D 145 11.97 2.12 19.22
C MET D 145 11.25 3.43 19.46
N TRP D 146 10.07 3.34 20.08
CA TRP D 146 9.29 4.54 20.36
C TRP D 146 9.81 5.23 21.61
N GLU D 147 10.17 4.45 22.63
CA GLU D 147 10.68 5.00 23.90
C GLU D 147 12.07 5.63 23.75
N HIS D 148 12.44 5.93 22.50
CA HIS D 148 13.74 6.55 22.17
C HIS D 148 13.47 8.03 21.84
N PRO D 149 14.52 8.87 21.86
CA PRO D 149 14.41 10.28 21.56
C PRO D 149 13.92 10.58 20.16
N ILE D 150 14.85 10.80 19.23
CA ILE D 150 14.54 11.17 17.85
C ILE D 150 13.06 11.07 17.45
N THR D 151 12.44 9.92 17.74
CA THR D 151 11.04 9.68 17.39
C THR D 151 10.18 10.89 17.76
N ALA D 152 10.53 11.54 18.86
CA ALA D 152 9.82 12.71 19.32
C ALA D 152 10.28 13.90 18.49
N GLN D 153 11.55 14.22 18.60
CA GLN D 153 12.13 15.34 17.87
C GLN D 153 11.77 15.25 16.38
N GLN D 154 11.37 14.05 15.96
CA GLN D 154 11.03 13.74 14.55
C GLN D 154 9.54 13.78 14.23
N VAL D 155 8.75 13.20 15.11
CA VAL D 155 7.31 13.19 14.91
C VAL D 155 6.78 14.63 14.86
N ASP D 156 7.33 15.49 15.72
CA ASP D 156 6.90 16.89 15.73
C ASP D 156 7.60 17.55 14.60
N GLN D 157 8.85 17.17 14.41
CA GLN D 157 9.62 17.72 13.32
C GLN D 157 8.79 17.46 12.07
N LEU D 158 8.03 16.38 12.12
CA LEU D 158 7.18 16.01 11.01
C LEU D 158 5.92 16.83 11.05
N LYS D 159 5.57 17.25 12.26
CA LYS D 159 4.38 18.06 12.44
C LYS D 159 4.64 19.43 11.81
N ALA D 160 5.90 19.83 11.78
CA ALA D 160 6.27 21.10 11.17
C ALA D 160 5.57 21.21 9.80
N PHE D 161 5.39 20.08 9.14
CA PHE D 161 4.71 20.09 7.85
C PHE D 161 3.26 19.71 8.09
N GLY D 162 2.90 19.59 9.37
CA GLY D 162 1.53 19.24 9.75
C GLY D 162 0.98 18.09 8.95
N TYR D 163 1.35 16.87 9.36
CA TYR D 163 0.89 15.67 8.69
C TYR D 163 -0.11 14.91 9.55
N VAL D 164 -0.77 15.62 10.45
CA VAL D 164 -1.78 15.02 11.33
C VAL D 164 -1.47 13.63 11.88
N GLU D 165 -0.76 13.58 13.00
CA GLU D 165 -0.41 12.31 13.64
C GLU D 165 -1.68 11.55 14.08
N ILE D 166 -1.50 10.40 14.73
CA ILE D 166 -2.62 9.55 15.18
C ILE D 166 -2.15 8.56 16.28
N PRO D 167 -1.06 8.92 16.97
CA PRO D 167 -0.49 8.08 18.02
C PRO D 167 -1.53 7.28 18.79
N VAL D 186 -7.31 -1.43 14.54
CA VAL D 186 -7.59 -0.33 13.62
C VAL D 186 -8.41 0.72 14.36
N GLY D 187 -9.59 1.01 13.81
CA GLY D 187 -10.53 1.96 14.42
C GLY D 187 -10.15 3.45 14.33
N THR D 188 -9.73 4.02 15.47
CA THR D 188 -9.35 5.43 15.57
C THR D 188 -9.02 6.01 14.22
N ILE D 189 -8.04 5.41 13.56
CA ILE D 189 -7.61 5.85 12.25
C ILE D 189 -8.84 5.94 11.37
N VAL D 190 -9.50 4.80 11.18
CA VAL D 190 -10.69 4.72 10.33
C VAL D 190 -11.58 5.95 10.43
N ASP D 191 -12.20 6.14 11.59
CA ASP D 191 -13.07 7.29 11.80
C ASP D 191 -12.31 8.54 11.32
N LYS D 192 -11.20 8.83 11.98
CA LYS D 192 -10.36 9.97 11.64
C LYS D 192 -10.19 10.25 10.14
N VAL D 193 -10.27 9.22 9.30
CA VAL D 193 -10.13 9.46 7.87
C VAL D 193 -11.10 10.54 7.44
N1 FMN E . 33.10 -23.86 -10.56
C2 FMN E . 33.83 -24.46 -11.57
O2 FMN E . 33.26 -24.96 -12.55
N3 FMN E . 35.24 -24.47 -11.42
C4 FMN E . 35.92 -23.91 -10.33
O4 FMN E . 37.15 -23.91 -10.20
C4A FMN E . 35.07 -23.27 -9.27
N5 FMN E . 35.64 -22.71 -8.20
C5A FMN E . 34.94 -22.12 -7.22
C6 FMN E . 35.63 -21.52 -6.12
C7 FMN E . 34.94 -20.92 -5.14
C7M FMN E . 35.69 -20.29 -3.98
C8 FMN E . 33.44 -20.84 -5.17
C8M FMN E . 32.70 -20.13 -4.05
C9 FMN E . 32.74 -21.40 -6.21
C9A FMN E . 33.48 -22.06 -7.29
N10 FMN E . 32.87 -22.68 -8.47
C10 FMN E . 33.63 -23.28 -9.45
C1' FMN E . 31.34 -22.61 -8.52
C2' FMN E . 30.96 -21.39 -9.41
O2' FMN E . 31.44 -20.16 -8.98
C3' FMN E . 29.41 -21.26 -9.52
O3' FMN E . 29.08 -22.39 -10.39
C4' FMN E . 28.95 -20.04 -10.34
O4' FMN E . 27.52 -20.03 -10.38
C5' FMN E . 29.45 -19.99 -11.76
O5' FMN E . 28.83 -18.73 -12.18
P FMN E . 29.04 -18.17 -13.58
O1P FMN E . 28.74 -19.15 -14.55
O2P FMN E . 30.38 -17.62 -13.54
O3P FMN E . 28.07 -16.86 -13.66
N1 FMN F . 31.56 36.37 30.05
C2 FMN F . 32.23 35.76 29.03
O2 FMN F . 31.61 35.24 28.07
N3 FMN F . 33.66 35.74 29.11
C4 FMN F . 34.36 36.31 30.17
O4 FMN F . 35.58 36.31 30.27
C4A FMN F . 33.56 36.96 31.26
N5 FMN F . 34.16 37.53 32.29
C5A FMN F . 33.48 38.14 33.31
C6 FMN F . 34.21 38.73 34.39
C7 FMN F . 33.55 39.32 35.39
C7M FMN F . 34.32 39.96 36.53
C8 FMN F . 32.07 39.40 35.41
C8M FMN F . 31.37 40.10 36.57
C9 FMN F . 31.33 38.85 34.36
C9A FMN F . 32.03 38.19 33.27
N10 FMN F . 31.40 37.57 32.14
C10 FMN F . 32.13 36.96 31.13
C1' FMN F . 29.88 37.65 32.12
C2' FMN F . 29.46 38.85 31.23
O2' FMN F . 29.95 40.09 31.62
C3' FMN F . 27.92 38.96 31.19
O3' FMN F . 27.57 37.83 30.33
C4' FMN F . 27.39 40.15 30.38
O4' FMN F . 25.96 40.11 30.40
C5' FMN F . 27.85 40.22 28.96
O5' FMN F . 27.20 41.46 28.54
P FMN F . 27.39 41.98 27.08
O1P FMN F . 27.07 41.00 26.13
O2P FMN F . 28.75 42.52 27.09
O3P FMN F . 26.44 43.31 27.03
N1 FMN G . -58.23 -38.53 11.83
C2 FMN G . -59.11 -37.62 12.37
O2 FMN G . -58.91 -36.41 12.28
N3 FMN G . -60.25 -38.15 13.05
C4 FMN G . -60.51 -39.53 13.17
O4 FMN G . -61.49 -40.00 13.75
C4A FMN G . -59.51 -40.46 12.55
N5 FMN G . -59.69 -41.79 12.61
C5A FMN G . -58.84 -42.67 12.07
C6 FMN G . -59.11 -44.06 12.19
C7 FMN G . -58.28 -44.95 11.64
C7M FMN G . -58.60 -46.44 11.77
C8 FMN G . -57.04 -44.53 10.91
C8M FMN G . -56.12 -45.59 10.29
C9 FMN G . -56.74 -43.19 10.78
C9A FMN G . -57.64 -42.20 11.37
N10 FMN G . -57.46 -40.77 11.30
C10 FMN G . -58.37 -39.89 11.87
C1' FMN G . -56.20 -40.29 10.55
C2' FMN G . -56.62 -39.96 9.09
O2' FMN G . -57.15 -41.02 8.38
C3' FMN G . -55.40 -39.44 8.30
O3' FMN G . -55.22 -38.10 8.86
C4' FMN G . -55.70 -39.14 6.81
O4' FMN G . -54.51 -38.66 6.19
C5' FMN G . -56.78 -38.12 6.56
O5' FMN G . -56.78 -38.12 5.09
P FMN G . -57.77 -37.22 4.31
O1P FMN G . -57.69 -35.89 4.76
O2P FMN G . -59.02 -37.93 4.46
O3P FMN G . -57.37 -37.39 2.75
N1 FMN H . 9.77 -1.22 12.45
C2 FMN H . 8.91 -0.29 12.99
O2 FMN H . 9.14 0.92 12.92
N3 FMN H . 7.75 -0.80 13.66
C4 FMN H . 7.47 -2.16 13.76
O4 FMN H . 6.48 -2.62 14.31
C4A FMN H . 8.46 -3.11 13.13
N5 FMN H . 8.26 -4.43 13.19
C5A FMN H . 9.11 -5.33 12.66
C6 FMN H . 8.82 -6.72 12.77
C7 FMN H . 9.64 -7.63 12.24
C7M FMN H . 9.31 -9.11 12.37
C8 FMN H . 10.90 -7.23 11.53
C8M FMN H . 11.80 -8.32 10.94
C9 FMN H . 11.22 -5.89 11.40
C9A FMN H . 10.31 -4.88 11.98
N10 FMN H . 10.51 -3.44 11.91
C10 FMN H . 9.62 -2.55 12.49
C1' FMN H . 11.78 -3.00 11.19
C2' FMN H . 11.39 -2.63 9.72
O2' FMN H . 10.82 -3.66 8.99
C3' FMN H . 12.64 -2.15 8.94
O3' FMN H . 12.85 -0.84 9.54
C4' FMN H . 12.35 -1.83 7.47
O4' FMN H . 13.56 -1.37 6.86
C5' FMN H . 11.29 -0.80 7.23
O5' FMN H . 11.31 -0.77 5.78
P FMN H . 10.34 0.17 5.04
O1P FMN H . 10.46 1.50 5.47
O2P FMN H . 9.06 -0.49 5.19
#